data_3KZG
#
_entry.id   3KZG
#
_cell.length_a   41.965
_cell.length_b   148.254
_cell.length_c   149.262
_cell.angle_alpha   90.00
_cell.angle_beta   90.00
_cell.angle_gamma   90.00
#
_symmetry.space_group_name_H-M   'P 21 21 21'
#
loop_
_entity.id
_entity.type
_entity.pdbx_description
1 polymer 'Arginine 3rd transport system periplasmic binding protein'
2 water water
#
_entity_poly.entity_id   1
_entity_poly.type   'polypeptide(L)'
_entity_poly.pdbx_seq_one_letter_code
;(MSE)SLNLTIGTSKFNPPFEVWSGNNSSLYGFDIDL(MSE)QEICRRLHATCTFEAYIFDDLFPALKNREVDLVIAS
(MSE)IITDERKKHFIFSLPY(MSE)ESNSQYITTVDSKISTFDDLHGKKIGVRKGTPYARQVLSENRNNQVIFYELIQD
(MSE)LLGLSNNQVDASL(MSE)DYEAAKYW(MSE)ASEPYAYKLIGKKYKLIGKKISIGEGYSI(MSE)ANPDQFVLIK
KINKILLE(MSE)EADGTYLRLYSEYFEGHHHHHH
;
_entity_poly.pdbx_strand_id   A,B,C,D
#
# COMPACT_ATOMS: atom_id res chain seq x y z
N SER A 2 -1.63 31.99 23.77
CA SER A 2 -0.60 32.48 22.81
C SER A 2 -0.50 31.54 21.62
N LEU A 3 -1.54 30.74 21.41
CA LEU A 3 -1.59 29.79 20.31
C LEU A 3 -2.99 29.22 20.14
N ASN A 4 -3.93 30.12 19.83
CA ASN A 4 -5.33 29.74 19.64
C ASN A 4 -5.83 30.45 18.39
N LEU A 5 -6.40 29.67 17.47
CA LEU A 5 -6.90 30.22 16.23
C LEU A 5 -8.43 30.25 16.17
N THR A 6 -8.95 31.22 15.43
CA THR A 6 -10.39 31.38 15.25
C THR A 6 -10.66 31.18 13.76
N ILE A 7 -11.34 30.09 13.42
CA ILE A 7 -11.63 29.79 12.03
C ILE A 7 -13.10 30.02 11.67
N GLY A 8 -13.31 30.75 10.58
CA GLY A 8 -14.66 31.00 10.13
C GLY A 8 -15.04 29.92 9.13
N THR A 9 -16.26 29.43 9.21
CA THR A 9 -16.77 28.40 8.30
C THR A 9 -18.24 28.71 8.07
N SER A 10 -18.81 28.21 6.97
CA SER A 10 -20.21 28.51 6.68
C SER A 10 -21.14 27.79 7.66
N LYS A 11 -22.42 28.16 7.61
CA LYS A 11 -23.42 27.57 8.50
C LYS A 11 -24.06 26.27 8.03
N PHE A 12 -24.18 26.08 6.72
CA PHE A 12 -24.81 24.86 6.24
C PHE A 12 -24.45 24.49 4.81
N ASN A 13 -23.66 23.42 4.69
CA ASN A 13 -23.28 22.92 3.38
C ASN A 13 -22.66 21.55 3.54
N PRO A 14 -23.44 20.61 4.11
CA PRO A 14 -22.93 19.25 4.29
C PRO A 14 -22.46 18.73 2.94
N PRO A 15 -21.48 17.82 2.94
CA PRO A 15 -20.79 17.24 4.10
C PRO A 15 -19.57 18.01 4.59
N PHE A 16 -19.39 19.25 4.12
CA PHE A 16 -18.23 20.07 4.53
C PHE A 16 -18.38 20.62 5.95
N GLU A 17 -19.52 21.22 6.24
CA GLU A 17 -19.78 21.72 7.59
C GLU A 17 -21.26 22.04 7.78
N VAL A 18 -21.70 21.90 9.01
CA VAL A 18 -23.08 22.18 9.39
C VAL A 18 -23.06 22.74 10.79
N TRP A 19 -23.68 23.89 10.96
CA TRP A 19 -23.76 24.57 12.26
C TRP A 19 -25.13 24.25 12.89
N SER A 20 -25.12 23.77 14.12
CA SER A 20 -26.34 23.42 14.85
C SER A 20 -26.55 24.29 16.10
N GLY A 21 -26.06 25.53 16.05
CA GLY A 21 -26.18 26.42 17.19
C GLY A 21 -24.84 26.70 17.82
N ASN A 22 -24.71 27.85 18.48
CA ASN A 22 -23.45 28.24 19.12
C ASN A 22 -23.08 27.39 20.34
N ASN A 23 -24.04 26.69 20.92
CA ASN A 23 -23.77 25.86 22.10
C ASN A 23 -23.55 24.39 21.75
N SER A 24 -23.26 24.12 20.48
CA SER A 24 -23.03 22.75 20.03
C SER A 24 -21.87 22.72 19.04
N SER A 25 -21.08 21.65 19.09
CA SER A 25 -19.95 21.53 18.19
C SER A 25 -20.47 21.39 16.76
N LEU A 26 -19.62 21.71 15.78
CA LEU A 26 -20.00 21.59 14.38
C LEU A 26 -19.45 20.26 13.90
N TYR A 27 -19.87 19.86 12.70
CA TYR A 27 -19.38 18.62 12.14
C TYR A 27 -19.33 18.68 10.62
N GLY A 28 -18.44 17.89 10.04
CA GLY A 28 -18.29 17.85 8.60
C GLY A 28 -16.82 17.68 8.25
N PHE A 29 -16.53 17.43 6.98
CA PHE A 29 -15.15 17.25 6.56
C PHE A 29 -14.24 18.44 6.85
N ASP A 30 -14.69 19.65 6.54
CA ASP A 30 -13.86 20.84 6.79
C ASP A 30 -13.54 20.99 8.26
N ILE A 31 -14.51 20.68 9.10
CA ILE A 31 -14.31 20.80 10.54
C ILE A 31 -13.21 19.87 11.00
N ASP A 32 -13.32 18.59 10.64
CA ASP A 32 -12.33 17.59 11.03
C ASP A 32 -10.94 17.90 10.47
N LEU A 33 -10.88 18.38 9.24
CA LEU A 33 -9.58 18.69 8.63
C LEU A 33 -8.90 19.83 9.40
N GLN A 35 -9.52 21.01 12.29
CA GLN A 35 -9.26 20.58 13.66
C GLN A 35 -7.90 19.89 13.75
N GLU A 36 -7.65 18.95 12.84
CA GLU A 36 -6.40 18.20 12.81
C GLU A 36 -5.20 19.11 12.50
N ILE A 37 -5.36 20.04 11.57
CA ILE A 37 -4.28 20.96 11.21
C ILE A 37 -3.86 21.80 12.41
N CYS A 38 -4.84 22.23 13.21
CA CYS A 38 -4.55 23.04 14.38
C CYS A 38 -3.77 22.29 15.45
N ARG A 39 -4.06 21.01 15.67
CA ARG A 39 -3.31 20.28 16.68
C ARG A 39 -1.86 20.12 16.26
N ARG A 40 -1.65 19.99 14.95
CA ARG A 40 -0.31 19.85 14.40
C ARG A 40 0.40 21.19 14.51
N LEU A 41 -0.39 22.27 14.54
CA LEU A 41 0.15 23.61 14.67
C LEU A 41 0.33 23.89 16.16
N HIS A 42 -0.10 22.95 17.00
CA HIS A 42 0.00 23.08 18.44
C HIS A 42 -0.86 24.24 18.93
N ALA A 43 -1.96 24.50 18.22
CA ALA A 43 -2.86 25.57 18.57
C ALA A 43 -4.29 25.05 18.74
N THR A 44 -4.99 25.58 19.74
CA THR A 44 -6.37 25.19 19.98
C THR A 44 -7.20 25.76 18.84
N CYS A 45 -8.30 25.08 18.52
CA CYS A 45 -9.17 25.49 17.42
C CYS A 45 -10.59 25.88 17.84
N THR A 46 -11.02 27.06 17.41
CA THR A 46 -12.37 27.53 17.70
C THR A 46 -12.99 28.01 16.39
N PHE A 47 -14.19 27.51 16.09
CA PHE A 47 -14.90 27.84 14.86
C PHE A 47 -15.94 28.93 15.00
N GLU A 48 -16.15 29.67 13.92
CA GLU A 48 -17.13 30.73 13.92
C GLU A 48 -17.91 30.63 12.60
N ALA A 49 -19.17 30.26 12.70
CA ALA A 49 -20.03 30.09 11.54
C ALA A 49 -20.71 31.37 11.05
N TYR A 50 -20.61 31.62 9.76
CA TYR A 50 -21.21 32.79 9.13
C TYR A 50 -21.98 32.27 7.93
N ILE A 51 -22.83 33.10 7.38
CA ILE A 51 -23.55 32.72 6.17
C ILE A 51 -22.40 32.82 5.15
N PHE A 52 -22.27 31.80 4.30
CA PHE A 52 -21.21 31.75 3.30
C PHE A 52 -20.68 33.09 2.78
N ASP A 53 -21.57 33.89 2.18
CA ASP A 53 -21.16 35.18 1.62
C ASP A 53 -20.53 36.16 2.61
N ASP A 54 -20.84 36.03 3.89
CA ASP A 54 -20.29 36.94 4.88
C ASP A 54 -18.86 36.56 5.30
N LEU A 55 -18.41 35.38 4.90
CA LEU A 55 -17.07 34.91 5.25
C LEU A 55 -15.96 35.82 4.74
N PHE A 56 -16.15 36.34 3.53
CA PHE A 56 -15.17 37.21 2.92
C PHE A 56 -14.91 38.49 3.74
N PRO A 57 -15.97 39.23 4.09
CA PRO A 57 -15.73 40.44 4.88
C PRO A 57 -15.23 40.10 6.28
N ALA A 58 -15.73 39.01 6.84
CA ALA A 58 -15.32 38.57 8.17
C ALA A 58 -13.81 38.33 8.24
N LEU A 59 -13.26 37.75 7.20
CA LEU A 59 -11.82 37.48 7.17
C LEU A 59 -11.05 38.79 6.98
N LYS A 60 -11.54 39.63 6.07
CA LYS A 60 -10.88 40.90 5.82
C LYS A 60 -10.86 41.79 7.07
N ASN A 61 -11.87 41.67 7.92
CA ASN A 61 -11.95 42.48 9.14
C ASN A 61 -11.24 41.80 10.32
N ARG A 62 -10.57 40.70 10.04
CA ARG A 62 -9.84 39.96 11.08
C ARG A 62 -10.73 39.44 12.20
N GLU A 63 -12.00 39.19 11.88
CA GLU A 63 -12.93 38.65 12.87
C GLU A 63 -12.49 37.21 13.12
N VAL A 64 -11.82 36.65 12.12
CA VAL A 64 -11.30 35.28 12.19
C VAL A 64 -9.91 35.25 11.58
N ASP A 65 -9.10 34.28 11.99
CA ASP A 65 -7.75 34.15 11.49
C ASP A 65 -7.68 33.47 10.13
N LEU A 66 -8.55 32.48 9.94
CA LEU A 66 -8.60 31.72 8.70
C LEU A 66 -10.03 31.37 8.34
N VAL A 67 -10.22 30.90 7.11
CA VAL A 67 -11.53 30.49 6.64
C VAL A 67 -11.41 29.19 5.87
N ILE A 68 -12.32 28.26 6.16
CA ILE A 68 -12.38 26.98 5.49
C ILE A 68 -13.87 26.64 5.34
N ALA A 69 -14.33 26.68 4.10
CA ALA A 69 -15.72 26.40 3.79
C ALA A 69 -15.77 26.10 2.30
N SER A 70 -15.31 24.91 1.93
CA SER A 70 -15.27 24.49 0.54
C SER A 70 -14.97 25.70 -0.33
N ILE A 72 -13.25 27.60 -3.10
CA ILE A 72 -12.54 27.34 -4.34
C ILE A 72 -11.53 28.41 -4.72
N ILE A 73 -10.30 27.98 -4.95
CA ILE A 73 -9.24 28.90 -5.36
C ILE A 73 -9.56 29.40 -6.76
N THR A 74 -9.74 30.71 -6.88
CA THR A 74 -10.02 31.32 -8.18
C THR A 74 -9.16 32.57 -8.31
N ASP A 75 -8.89 33.00 -9.53
CA ASP A 75 -8.09 34.20 -9.73
C ASP A 75 -8.76 35.44 -9.12
N GLU A 76 -10.08 35.52 -9.23
CA GLU A 76 -10.81 36.66 -8.69
C GLU A 76 -10.59 36.81 -7.18
N ARG A 77 -10.62 35.69 -6.47
CA ARG A 77 -10.42 35.73 -5.03
C ARG A 77 -8.96 35.95 -4.62
N LYS A 78 -8.04 35.50 -5.45
CA LYS A 78 -6.62 35.67 -5.13
C LYS A 78 -6.17 37.12 -5.20
N LYS A 79 -7.08 38.01 -5.60
CA LYS A 79 -6.77 39.43 -5.69
C LYS A 79 -6.90 40.11 -4.33
N HIS A 80 -7.56 39.44 -3.39
CA HIS A 80 -7.76 40.00 -2.06
C HIS A 80 -7.38 39.02 -0.97
N PHE A 81 -7.19 37.76 -1.34
CA PHE A 81 -6.85 36.73 -0.38
C PHE A 81 -5.79 35.76 -0.90
N ILE A 82 -5.14 35.08 0.02
CA ILE A 82 -4.17 34.07 -0.34
C ILE A 82 -4.75 32.74 0.11
N PHE A 83 -4.33 31.68 -0.55
CA PHE A 83 -4.83 30.34 -0.26
C PHE A 83 -3.71 29.38 0.14
N SER A 84 -4.08 28.34 0.87
CA SER A 84 -3.12 27.33 1.26
C SER A 84 -3.12 26.37 0.08
N LEU A 85 -2.36 25.29 0.20
CA LEU A 85 -2.37 24.30 -0.86
C LEU A 85 -3.80 23.76 -0.85
N PRO A 86 -4.34 23.41 -2.01
CA PRO A 86 -5.70 22.88 -2.01
C PRO A 86 -5.68 21.53 -1.29
N TYR A 87 -6.73 21.20 -0.56
CA TYR A 87 -6.78 19.93 0.16
C TYR A 87 -7.75 18.98 -0.51
N GLU A 89 -9.84 18.36 -4.69
CA GLU A 89 -10.18 18.86 -6.01
C GLU A 89 -11.57 19.49 -5.96
N SER A 90 -11.79 20.59 -6.65
CA SER A 90 -13.08 21.25 -6.65
C SER A 90 -13.86 21.01 -7.93
N ASN A 91 -15.05 20.43 -7.80
CA ASN A 91 -15.91 20.17 -8.95
C ASN A 91 -17.32 20.61 -8.63
N SER A 92 -18.03 21.12 -9.63
CA SER A 92 -19.41 21.54 -9.45
C SER A 92 -20.30 20.42 -9.99
N GLN A 93 -21.60 20.48 -9.71
CA GLN A 93 -22.53 19.46 -10.16
C GLN A 93 -23.95 19.97 -10.26
N TYR A 94 -24.62 19.68 -11.37
CA TYR A 94 -26.01 20.11 -11.54
C TYR A 94 -26.91 19.06 -10.87
N ILE A 95 -27.86 19.54 -10.10
CA ILE A 95 -28.80 18.67 -9.40
C ILE A 95 -30.21 19.24 -9.55
N THR A 96 -31.21 18.37 -9.62
CA THR A 96 -32.61 18.80 -9.75
C THR A 96 -33.49 17.75 -9.08
N THR A 97 -34.80 18.00 -9.03
CA THR A 97 -35.70 17.05 -8.41
C THR A 97 -36.01 15.89 -9.36
N VAL A 98 -36.18 14.70 -8.81
CA VAL A 98 -36.46 13.50 -9.60
C VAL A 98 -37.65 13.63 -10.54
N ASP A 99 -38.62 14.44 -10.16
CA ASP A 99 -39.82 14.64 -10.97
C ASP A 99 -39.59 15.70 -12.05
N SER A 100 -38.33 15.96 -12.38
CA SER A 100 -38.01 16.94 -13.40
C SER A 100 -37.84 16.33 -14.78
N LYS A 101 -38.29 17.05 -15.81
CA LYS A 101 -38.15 16.58 -17.18
C LYS A 101 -36.68 16.65 -17.60
N ILE A 102 -35.94 17.55 -16.97
CA ILE A 102 -34.52 17.70 -17.27
C ILE A 102 -33.85 16.39 -16.87
N SER A 103 -33.17 15.75 -17.82
CA SER A 103 -32.49 14.50 -17.53
C SER A 103 -31.08 14.47 -18.11
N THR A 104 -30.80 15.38 -19.03
CA THR A 104 -29.48 15.45 -19.65
C THR A 104 -28.90 16.87 -19.54
N PHE A 105 -27.58 16.94 -19.53
CA PHE A 105 -26.85 18.20 -19.44
C PHE A 105 -27.37 19.16 -20.53
N ASP A 106 -27.90 18.59 -21.59
CA ASP A 106 -28.41 19.34 -22.73
C ASP A 106 -29.77 19.99 -22.48
N ASP A 107 -30.56 19.41 -21.57
CA ASP A 107 -31.88 19.95 -21.26
C ASP A 107 -31.84 21.20 -20.37
N LEU A 108 -30.66 21.53 -19.88
CA LEU A 108 -30.51 22.70 -19.03
C LEU A 108 -30.66 24.00 -19.82
N HIS A 109 -30.76 23.90 -21.14
CA HIS A 109 -30.90 25.07 -21.98
C HIS A 109 -32.21 25.82 -21.73
N GLY A 110 -32.08 27.11 -21.44
CA GLY A 110 -33.25 27.94 -21.17
C GLY A 110 -33.82 27.82 -19.77
N LYS A 111 -33.12 27.11 -18.89
CA LYS A 111 -33.61 26.91 -17.53
C LYS A 111 -33.10 27.93 -16.51
N LYS A 112 -33.82 28.05 -15.41
CA LYS A 112 -33.43 28.95 -14.33
C LYS A 112 -32.60 28.11 -13.37
N ILE A 113 -31.39 28.59 -13.07
CA ILE A 113 -30.48 27.86 -12.21
C ILE A 113 -30.20 28.53 -10.87
N GLY A 114 -30.34 27.78 -9.79
CA GLY A 114 -30.07 28.32 -8.47
C GLY A 114 -28.59 28.20 -8.17
N VAL A 115 -28.04 29.18 -7.47
CA VAL A 115 -26.63 29.18 -7.11
C VAL A 115 -26.43 29.80 -5.74
N ARG A 116 -25.40 29.35 -5.03
CA ARG A 116 -25.09 29.88 -3.69
C ARG A 116 -24.32 31.19 -3.84
N LYS A 117 -24.90 32.28 -3.34
CA LYS A 117 -24.27 33.59 -3.43
C LYS A 117 -22.86 33.59 -2.83
N GLY A 118 -21.89 34.09 -3.60
CA GLY A 118 -20.52 34.14 -3.12
C GLY A 118 -19.60 33.14 -3.81
N THR A 119 -20.19 32.14 -4.47
CA THR A 119 -19.41 31.14 -5.18
C THR A 119 -19.20 31.56 -6.62
N PRO A 120 -18.32 30.87 -7.35
CA PRO A 120 -18.06 31.22 -8.75
C PRO A 120 -19.05 30.48 -9.66
N TYR A 121 -20.06 29.87 -9.07
CA TYR A 121 -21.04 29.10 -9.83
C TYR A 121 -21.94 29.90 -10.78
N ALA A 122 -22.29 31.12 -10.39
CA ALA A 122 -23.12 31.94 -11.26
C ALA A 122 -22.33 32.17 -12.54
N ARG A 123 -21.05 32.48 -12.37
CA ARG A 123 -20.17 32.72 -13.51
C ARG A 123 -20.03 31.48 -14.37
N GLN A 124 -19.97 30.31 -13.74
CA GLN A 124 -19.83 29.06 -14.49
C GLN A 124 -21.07 28.81 -15.35
N VAL A 125 -22.24 29.04 -14.76
CA VAL A 125 -23.50 28.85 -15.45
C VAL A 125 -23.64 29.75 -16.67
N LEU A 126 -23.40 31.04 -16.48
CA LEU A 126 -23.55 31.97 -17.60
C LEU A 126 -22.50 31.77 -18.69
N SER A 127 -21.29 31.38 -18.29
CA SER A 127 -20.21 31.14 -19.25
C SER A 127 -20.52 30.00 -20.22
N GLU A 128 -21.52 29.20 -19.89
CA GLU A 128 -21.89 28.09 -20.75
C GLU A 128 -22.71 28.60 -21.95
N ASN A 129 -23.24 29.81 -21.83
CA ASN A 129 -24.01 30.41 -22.92
C ASN A 129 -25.11 29.50 -23.48
N ARG A 130 -25.96 28.99 -22.58
CA ARG A 130 -27.07 28.13 -22.98
C ARG A 130 -28.37 28.78 -22.53
N ASN A 131 -28.43 30.10 -22.70
CA ASN A 131 -29.60 30.90 -22.32
C ASN A 131 -30.18 30.51 -20.97
N ASN A 132 -29.39 30.74 -19.92
CA ASN A 132 -29.83 30.44 -18.57
C ASN A 132 -29.92 31.70 -17.74
N GLN A 133 -30.77 31.64 -16.72
CA GLN A 133 -30.96 32.75 -15.81
C GLN A 133 -30.52 32.24 -14.45
N VAL A 134 -29.73 33.04 -13.74
CA VAL A 134 -29.23 32.66 -12.44
C VAL A 134 -29.98 33.32 -11.28
N ILE A 135 -30.33 32.52 -10.29
CA ILE A 135 -31.03 33.02 -9.11
C ILE A 135 -30.04 32.82 -7.97
N PHE A 136 -29.61 33.93 -7.36
CA PHE A 136 -28.65 33.89 -6.25
C PHE A 136 -29.36 33.64 -4.93
N TYR A 137 -28.86 32.66 -4.18
CA TYR A 137 -29.42 32.31 -2.89
C TYR A 137 -28.32 32.49 -1.85
N GLU A 138 -28.63 33.14 -0.74
CA GLU A 138 -27.62 33.36 0.30
C GLU A 138 -27.38 32.10 1.12
N LEU A 139 -28.44 31.34 1.38
CA LEU A 139 -28.32 30.09 2.14
C LEU A 139 -28.64 28.88 1.27
N ILE A 140 -27.96 27.76 1.54
CA ILE A 140 -28.20 26.54 0.80
C ILE A 140 -29.64 26.09 1.04
N GLN A 141 -30.16 26.33 2.24
CA GLN A 141 -31.53 25.93 2.57
C GLN A 141 -32.54 26.61 1.67
N ASP A 142 -32.32 27.90 1.39
CA ASP A 142 -33.21 28.68 0.54
C ASP A 142 -33.16 28.14 -0.88
N LEU A 144 -32.34 25.07 -1.91
CA LEU A 144 -32.97 23.76 -2.01
C LEU A 144 -34.48 23.90 -1.88
N LEU A 145 -34.93 24.90 -1.11
CA LEU A 145 -36.35 25.15 -0.93
C LEU A 145 -36.89 25.67 -2.24
N GLY A 146 -36.12 26.57 -2.86
CA GLY A 146 -36.53 27.14 -4.13
C GLY A 146 -36.69 26.04 -5.16
N LEU A 147 -35.74 25.12 -5.17
CA LEU A 147 -35.77 24.00 -6.10
C LEU A 147 -37.04 23.17 -5.87
N SER A 148 -37.30 22.82 -4.61
CA SER A 148 -38.47 22.04 -4.25
C SER A 148 -39.76 22.75 -4.67
N ASN A 149 -39.81 24.06 -4.45
CA ASN A 149 -40.96 24.88 -4.79
C ASN A 149 -40.99 25.22 -6.28
N ASN A 150 -40.04 24.67 -7.01
CA ASN A 150 -39.96 24.90 -8.45
C ASN A 150 -39.72 26.37 -8.78
N GLN A 151 -39.00 27.07 -7.90
CA GLN A 151 -38.68 28.48 -8.12
C GLN A 151 -37.51 28.54 -9.12
N VAL A 152 -36.73 27.46 -9.15
CA VAL A 152 -35.62 27.31 -10.09
C VAL A 152 -35.79 25.89 -10.64
N ASP A 153 -35.31 25.66 -11.85
CA ASP A 153 -35.41 24.36 -12.50
C ASP A 153 -34.34 23.40 -12.00
N ALA A 154 -33.21 23.95 -11.57
CA ALA A 154 -32.11 23.12 -11.10
C ALA A 154 -31.15 24.01 -10.31
N SER A 155 -30.15 23.37 -9.73
CA SER A 155 -29.14 24.04 -8.93
C SER A 155 -27.74 23.54 -9.25
N LEU A 156 -26.77 24.44 -9.26
CA LEU A 156 -25.38 24.09 -9.50
C LEU A 156 -24.68 24.36 -8.17
N ASP A 158 -21.61 22.38 -5.10
CA ASP A 158 -20.42 21.53 -4.96
C ASP A 158 -20.81 20.08 -5.26
N TYR A 159 -19.93 19.36 -5.94
CA TYR A 159 -20.17 17.97 -6.30
C TYR A 159 -20.46 17.07 -5.08
N GLU A 160 -19.62 17.14 -4.05
CA GLU A 160 -19.83 16.31 -2.87
C GLU A 160 -21.09 16.73 -2.10
N ALA A 161 -21.50 17.98 -2.25
CA ALA A 161 -22.71 18.48 -1.58
C ALA A 161 -23.91 17.91 -2.33
N ALA A 162 -23.81 17.85 -3.65
CA ALA A 162 -24.88 17.33 -4.49
C ALA A 162 -25.10 15.84 -4.21
N LYS A 163 -24.00 15.10 -4.11
CA LYS A 163 -24.07 13.67 -3.83
C LYS A 163 -24.66 13.43 -2.45
N TYR A 164 -24.28 14.27 -1.50
CA TYR A 164 -24.78 14.16 -0.14
C TYR A 164 -26.32 14.23 -0.14
N TRP A 165 -26.84 15.29 -0.75
CA TRP A 165 -28.28 15.48 -0.80
C TRP A 165 -29.04 14.38 -1.51
N ALA A 167 -28.32 11.35 -1.59
CA ALA A 167 -28.29 10.16 -0.78
C ALA A 167 -28.69 10.43 0.68
N SER A 168 -29.24 11.61 0.93
CA SER A 168 -29.64 11.96 2.29
C SER A 168 -31.09 12.41 2.44
N GLU A 169 -31.73 12.77 1.33
CA GLU A 169 -33.12 13.22 1.40
C GLU A 169 -33.96 12.56 0.32
N PRO A 170 -34.94 11.73 0.74
CA PRO A 170 -35.26 11.39 2.13
C PRO A 170 -34.30 10.37 2.75
N TYR A 171 -34.47 10.12 4.04
CA TYR A 171 -33.62 9.18 4.76
C TYR A 171 -33.53 7.82 4.08
N ALA A 172 -34.68 7.18 3.90
CA ALA A 172 -34.75 5.87 3.27
C ALA A 172 -35.13 5.98 1.79
N TYR A 173 -34.32 6.70 1.03
CA TYR A 173 -34.59 6.87 -0.40
C TYR A 173 -34.56 5.52 -1.09
N LYS A 174 -33.95 4.55 -0.43
CA LYS A 174 -33.83 3.19 -0.95
C LYS A 174 -35.22 2.56 -1.04
N LEU A 175 -36.03 2.79 -0.01
CA LEU A 175 -37.38 2.23 0.06
C LEU A 175 -38.44 3.14 -0.57
N ILE A 176 -38.38 4.44 -0.25
CA ILE A 176 -39.35 5.41 -0.75
C ILE A 176 -38.96 6.13 -2.04
N GLY A 177 -37.72 5.98 -2.47
CA GLY A 177 -37.29 6.65 -3.68
C GLY A 177 -36.61 7.98 -3.42
N LYS A 178 -35.69 8.35 -4.30
CA LYS A 178 -34.94 9.59 -4.15
C LYS A 178 -35.77 10.83 -4.49
N LYS A 179 -35.35 11.97 -3.94
CA LYS A 179 -36.01 13.24 -4.19
C LYS A 179 -35.21 14.01 -5.24
N TYR A 180 -33.92 13.72 -5.30
CA TYR A 180 -33.03 14.39 -6.25
C TYR A 180 -32.39 13.45 -7.26
N LYS A 181 -31.85 14.04 -8.33
CA LYS A 181 -31.14 13.31 -9.36
C LYS A 181 -30.08 14.26 -9.94
N LEU A 182 -28.91 13.72 -10.27
CA LEU A 182 -27.83 14.52 -10.82
C LEU A 182 -27.96 14.65 -12.34
N ILE A 183 -27.61 15.81 -12.86
CA ILE A 183 -27.68 16.06 -14.29
C ILE A 183 -26.28 16.25 -14.86
N GLY A 184 -25.89 15.35 -15.75
CA GLY A 184 -24.56 15.42 -16.35
C GLY A 184 -23.48 14.98 -15.37
N LYS A 185 -22.23 14.94 -15.82
CA LYS A 185 -21.12 14.54 -14.95
C LYS A 185 -20.67 15.76 -14.15
N LYS A 186 -19.80 15.54 -13.17
CA LYS A 186 -19.30 16.65 -12.35
C LYS A 186 -18.47 17.56 -13.24
N ILE A 187 -18.37 18.84 -12.88
CA ILE A 187 -17.63 19.81 -13.68
C ILE A 187 -16.44 20.40 -12.94
N SER A 188 -15.27 20.36 -13.56
CA SER A 188 -14.08 20.92 -12.93
C SER A 188 -14.24 22.43 -12.86
N ILE A 189 -14.02 23.00 -11.68
CA ILE A 189 -14.13 24.44 -11.54
C ILE A 189 -13.15 24.94 -10.49
N GLY A 190 -12.39 25.97 -10.84
CA GLY A 190 -11.42 26.50 -9.92
C GLY A 190 -10.21 25.61 -9.77
N GLU A 191 -9.36 25.91 -8.80
CA GLU A 191 -8.14 25.13 -8.60
C GLU A 191 -8.11 24.35 -7.28
N GLY A 192 -9.28 23.94 -6.80
CA GLY A 192 -9.35 23.18 -5.57
C GLY A 192 -9.85 23.91 -4.35
N TYR A 193 -10.35 23.16 -3.36
CA TYR A 193 -10.85 23.75 -2.13
C TYR A 193 -9.63 24.00 -1.27
N SER A 194 -9.57 25.18 -0.64
CA SER A 194 -8.42 25.54 0.16
C SER A 194 -8.75 26.42 1.36
N ILE A 195 -7.77 26.55 2.25
CA ILE A 195 -7.91 27.39 3.44
C ILE A 195 -7.51 28.79 3.00
N ALA A 197 -6.92 33.05 3.60
CA ALA A 197 -6.43 33.99 4.60
C ALA A 197 -6.10 35.33 3.95
N ASN A 198 -5.80 36.33 4.77
CA ASN A 198 -5.45 37.64 4.27
C ASN A 198 -4.00 37.57 3.78
N PRO A 199 -3.64 38.36 2.76
CA PRO A 199 -2.28 38.37 2.20
C PRO A 199 -1.12 38.44 3.19
N ASP A 200 -1.30 39.15 4.29
CA ASP A 200 -0.22 39.29 5.27
C ASP A 200 -0.07 38.11 6.21
N GLN A 201 -0.82 37.03 5.96
CA GLN A 201 -0.73 35.87 6.82
C GLN A 201 0.04 34.73 6.15
N PHE A 202 0.94 35.09 5.24
CA PHE A 202 1.74 34.12 4.51
C PHE A 202 2.57 33.20 5.41
N VAL A 203 2.97 33.68 6.58
CA VAL A 203 3.76 32.82 7.46
C VAL A 203 2.89 31.68 7.97
N LEU A 204 1.67 32.00 8.37
CA LEU A 204 0.74 30.99 8.88
C LEU A 204 0.35 30.01 7.77
N ILE A 205 0.06 30.54 6.58
CA ILE A 205 -0.31 29.71 5.45
C ILE A 205 0.81 28.72 5.10
N LYS A 206 2.06 29.19 5.16
CA LYS A 206 3.20 28.33 4.87
C LYS A 206 3.34 27.19 5.85
N LYS A 207 3.06 27.46 7.12
CA LYS A 207 3.13 26.41 8.14
C LYS A 207 2.00 25.39 7.89
N ILE A 208 0.85 25.88 7.45
CA ILE A 208 -0.28 25.00 7.16
C ILE A 208 0.01 24.14 5.93
N ASN A 209 0.76 24.67 4.98
CA ASN A 209 1.09 23.91 3.78
C ASN A 209 1.98 22.72 4.17
N LYS A 210 2.99 22.97 4.99
CA LYS A 210 3.87 21.90 5.43
C LYS A 210 3.05 20.82 6.14
N ILE A 211 2.13 21.25 7.00
CA ILE A 211 1.27 20.32 7.74
C ILE A 211 0.44 19.48 6.79
N LEU A 212 -0.11 20.11 5.75
CA LEU A 212 -0.92 19.40 4.77
C LEU A 212 -0.09 18.35 4.04
N LEU A 213 1.16 18.68 3.75
CA LEU A 213 2.05 17.74 3.07
C LEU A 213 2.38 16.56 4.00
N GLU A 214 2.62 16.84 5.28
CA GLU A 214 2.94 15.78 6.24
C GLU A 214 1.73 14.88 6.49
N GLU A 216 -0.53 14.19 4.17
CA GLU A 216 -0.70 13.39 2.98
C GLU A 216 0.34 12.29 2.98
N ALA A 217 1.47 12.57 3.62
CA ALA A 217 2.54 11.58 3.68
C ALA A 217 2.39 10.49 4.75
N ASP A 218 1.71 10.78 5.86
CA ASP A 218 1.56 9.77 6.91
C ASP A 218 0.22 9.04 6.92
N GLY A 219 -0.59 9.25 5.88
CA GLY A 219 -1.87 8.57 5.80
C GLY A 219 -3.05 9.19 6.53
N THR A 220 -2.79 10.21 7.34
CA THR A 220 -3.85 10.86 8.08
C THR A 220 -4.88 11.48 7.12
N TYR A 221 -4.38 12.18 6.09
CA TYR A 221 -5.27 12.80 5.12
C TYR A 221 -6.13 11.79 4.38
N LEU A 222 -5.50 10.71 3.92
CA LEU A 222 -6.22 9.68 3.17
C LEU A 222 -7.33 9.07 4.02
N ARG A 223 -7.01 8.74 5.27
CA ARG A 223 -7.99 8.15 6.16
C ARG A 223 -9.21 9.04 6.33
N LEU A 224 -8.98 10.32 6.61
CA LEU A 224 -10.10 11.24 6.78
C LEU A 224 -10.89 11.38 5.49
N TYR A 225 -10.18 11.66 4.40
CA TYR A 225 -10.81 11.83 3.10
C TYR A 225 -11.70 10.64 2.72
N SER A 226 -11.17 9.43 2.93
CA SER A 226 -11.91 8.22 2.57
C SER A 226 -13.16 8.02 3.41
N GLU A 227 -13.11 8.45 4.67
CA GLU A 227 -14.28 8.32 5.57
C GLU A 227 -15.46 9.11 5.04
N TYR A 228 -15.17 10.19 4.32
CA TYR A 228 -16.22 11.06 3.78
C TYR A 228 -16.56 10.84 2.32
N PHE A 229 -15.54 10.67 1.48
CA PHE A 229 -15.77 10.55 0.05
C PHE A 229 -15.37 9.21 -0.57
N SER B 2 -7.40 -33.51 -23.03
CA SER B 2 -6.61 -32.51 -22.25
C SER B 2 -6.79 -32.74 -20.75
N LEU B 3 -6.14 -31.92 -19.93
CA LEU B 3 -6.24 -32.04 -18.48
C LEU B 3 -7.55 -31.48 -17.96
N ASN B 4 -8.40 -32.36 -17.42
CA ASN B 4 -9.70 -31.96 -16.89
C ASN B 4 -9.80 -32.22 -15.40
N LEU B 5 -10.24 -31.22 -14.66
CA LEU B 5 -10.43 -31.34 -13.22
C LEU B 5 -11.89 -31.08 -12.88
N THR B 6 -12.42 -31.92 -11.99
CA THR B 6 -13.81 -31.77 -11.54
C THR B 6 -13.67 -31.36 -10.07
N ILE B 7 -14.25 -30.21 -9.73
CA ILE B 7 -14.16 -29.67 -8.38
C ILE B 7 -15.49 -29.71 -7.62
N GLY B 8 -15.47 -30.32 -6.43
CA GLY B 8 -16.67 -30.35 -5.63
C GLY B 8 -16.74 -29.10 -4.76
N THR B 9 -17.89 -28.45 -4.74
CA THR B 9 -18.09 -27.28 -3.88
C THR B 9 -19.49 -27.38 -3.28
N SER B 10 -19.79 -26.58 -2.26
CA SER B 10 -21.11 -26.67 -1.63
C SER B 10 -22.16 -25.90 -2.44
N LYS B 11 -23.42 -26.13 -2.11
CA LYS B 11 -24.52 -25.48 -2.84
C LYS B 11 -24.78 -24.05 -2.43
N PHE B 12 -24.56 -23.74 -1.16
CA PHE B 12 -24.88 -22.39 -0.70
C PHE B 12 -24.20 -21.95 0.60
N ASN B 13 -23.24 -21.06 0.48
CA ASN B 13 -22.55 -20.51 1.64
C ASN B 13 -21.84 -19.25 1.24
N PRO B 14 -22.60 -18.19 0.93
CA PRO B 14 -22.03 -16.91 0.53
C PRO B 14 -21.17 -16.39 1.68
N PRO B 15 -20.07 -15.67 1.37
CA PRO B 15 -19.56 -15.29 0.05
C PRO B 15 -18.61 -16.29 -0.64
N PHE B 16 -18.42 -17.46 -0.03
CA PHE B 16 -17.53 -18.47 -0.59
C PHE B 16 -18.05 -19.04 -1.90
N GLU B 17 -19.33 -19.42 -1.93
CA GLU B 17 -19.95 -19.94 -3.14
C GLU B 17 -21.46 -19.98 -3.03
N VAL B 18 -22.11 -19.72 -4.16
CA VAL B 18 -23.56 -19.72 -4.26
C VAL B 18 -23.92 -20.34 -5.61
N TRP B 19 -24.70 -21.42 -5.55
CA TRP B 19 -25.14 -22.14 -6.73
C TRP B 19 -26.60 -21.78 -6.94
N SER B 20 -26.89 -21.10 -8.04
CA SER B 20 -28.24 -20.64 -8.36
C SER B 20 -29.13 -21.66 -9.07
N GLY B 21 -28.56 -22.77 -9.50
CA GLY B 21 -29.35 -23.78 -10.19
C GLY B 21 -28.54 -24.54 -11.23
N ASN B 22 -29.17 -25.53 -11.85
CA ASN B 22 -28.50 -26.35 -12.86
C ASN B 22 -27.89 -25.54 -14.00
N ASN B 23 -28.73 -25.09 -14.93
CA ASN B 23 -28.24 -24.29 -16.05
C ASN B 23 -27.93 -22.88 -15.54
N SER B 24 -27.64 -22.79 -14.24
CA SER B 24 -27.31 -21.53 -13.61
C SER B 24 -25.84 -21.55 -13.24
N SER B 25 -25.20 -20.39 -13.23
CA SER B 25 -23.79 -20.29 -12.91
C SER B 25 -23.53 -20.28 -11.41
N LEU B 26 -22.28 -20.54 -11.03
CA LEU B 26 -21.86 -20.55 -9.64
C LEU B 26 -20.96 -19.34 -9.44
N TYR B 27 -21.06 -18.67 -8.30
CA TYR B 27 -20.21 -17.53 -8.05
C TYR B 27 -19.76 -17.46 -6.59
N GLY B 28 -18.64 -16.77 -6.37
CA GLY B 28 -18.12 -16.64 -5.03
C GLY B 28 -16.61 -16.69 -5.01
N PHE B 29 -16.03 -16.32 -3.87
CA PHE B 29 -14.60 -16.32 -3.73
C PHE B 29 -13.96 -17.66 -4.05
N ASP B 30 -14.49 -18.76 -3.49
CA ASP B 30 -13.91 -20.06 -3.77
C ASP B 30 -13.93 -20.34 -5.28
N ILE B 31 -15.04 -19.98 -5.93
CA ILE B 31 -15.19 -20.20 -7.37
C ILE B 31 -14.09 -19.47 -8.14
N ASP B 32 -13.98 -18.17 -7.94
CA ASP B 32 -12.96 -17.37 -8.62
C ASP B 32 -11.55 -17.88 -8.36
N LEU B 33 -11.26 -18.23 -7.11
CA LEU B 33 -9.94 -18.74 -6.78
C LEU B 33 -9.61 -20.04 -7.49
N GLN B 35 -10.97 -21.21 -10.26
CA GLN B 35 -10.88 -21.03 -11.70
C GLN B 35 -9.52 -20.48 -12.10
N GLU B 36 -9.00 -19.55 -11.30
CA GLU B 36 -7.68 -18.97 -11.56
C GLU B 36 -6.62 -20.07 -11.44
N ILE B 37 -6.71 -20.85 -10.37
CA ILE B 37 -5.76 -21.93 -10.16
C ILE B 37 -5.81 -22.93 -11.32
N CYS B 38 -6.99 -23.24 -11.82
CA CYS B 38 -7.08 -24.19 -12.92
C CYS B 38 -6.44 -23.65 -14.19
N ARG B 39 -6.64 -22.36 -14.46
CA ARG B 39 -6.02 -21.77 -15.65
C ARG B 39 -4.51 -22.00 -15.55
N ARG B 40 -3.95 -21.67 -14.39
CA ARG B 40 -2.52 -21.81 -14.16
C ARG B 40 -2.03 -23.24 -14.21
N LEU B 41 -2.92 -24.20 -13.96
CA LEU B 41 -2.57 -25.62 -14.03
C LEU B 41 -2.77 -26.09 -15.47
N HIS B 42 -3.40 -25.24 -16.27
CA HIS B 42 -3.69 -25.57 -17.67
C HIS B 42 -4.69 -26.73 -17.70
N ALA B 43 -5.66 -26.65 -16.79
CA ALA B 43 -6.70 -27.66 -16.64
C ALA B 43 -8.08 -27.05 -16.83
N THR B 44 -9.01 -27.80 -17.42
CA THR B 44 -10.35 -27.26 -17.55
C THR B 44 -10.91 -27.34 -16.13
N CYS B 45 -11.86 -26.48 -15.81
CA CYS B 45 -12.43 -26.45 -14.47
C CYS B 45 -13.93 -26.65 -14.49
N THR B 46 -14.39 -27.78 -13.95
CA THR B 46 -15.81 -28.10 -13.89
C THR B 46 -16.27 -28.30 -12.44
N PHE B 47 -17.20 -27.47 -11.99
CA PHE B 47 -17.72 -27.54 -10.63
C PHE B 47 -18.95 -28.44 -10.53
N GLU B 48 -19.11 -29.09 -9.39
CA GLU B 48 -20.28 -29.92 -9.11
C GLU B 48 -20.65 -29.50 -7.71
N ALA B 49 -21.87 -28.99 -7.55
CA ALA B 49 -22.32 -28.54 -6.24
C ALA B 49 -22.91 -29.69 -5.43
N TYR B 50 -22.52 -29.75 -4.16
CA TYR B 50 -22.97 -30.78 -3.24
C TYR B 50 -23.41 -30.19 -1.92
N ILE B 51 -24.32 -30.89 -1.25
CA ILE B 51 -24.74 -30.47 0.08
C ILE B 51 -23.39 -30.61 0.78
N PHE B 52 -23.02 -29.64 1.63
CA PHE B 52 -21.71 -29.66 2.29
C PHE B 52 -21.20 -31.02 2.77
N ASP B 53 -21.97 -31.68 3.64
CA ASP B 53 -21.56 -32.97 4.20
C ASP B 53 -21.33 -34.05 3.15
N ASP B 54 -21.98 -33.94 1.99
CA ASP B 54 -21.84 -34.91 0.91
C ASP B 54 -20.48 -34.83 0.20
N LEU B 55 -19.75 -33.73 0.40
CA LEU B 55 -18.45 -33.55 -0.24
C LEU B 55 -17.40 -34.58 0.20
N PHE B 56 -17.41 -34.96 1.47
CA PHE B 56 -16.43 -35.92 1.95
C PHE B 56 -16.57 -37.29 1.25
N PRO B 57 -17.77 -37.90 1.29
CA PRO B 57 -17.87 -39.20 0.61
C PRO B 57 -17.67 -39.06 -0.91
N ALA B 58 -18.08 -37.93 -1.47
CA ALA B 58 -17.91 -37.66 -2.90
C ALA B 58 -16.44 -37.69 -3.28
N LEU B 59 -15.61 -37.00 -2.49
CA LEU B 59 -14.17 -36.96 -2.76
C LEU B 59 -13.58 -38.34 -2.55
N LYS B 60 -13.94 -38.97 -1.45
CA LYS B 60 -13.46 -40.31 -1.14
C LYS B 60 -13.81 -41.30 -2.24
N ASN B 61 -15.00 -41.16 -2.83
CA ASN B 61 -15.47 -42.04 -3.90
C ASN B 61 -14.96 -41.57 -5.27
N ARG B 62 -14.01 -40.64 -5.27
CA ARG B 62 -13.43 -40.09 -6.51
C ARG B 62 -14.46 -39.52 -7.48
N GLU B 63 -15.54 -38.92 -6.97
CA GLU B 63 -16.55 -38.31 -7.83
C GLU B 63 -16.00 -36.98 -8.30
N VAL B 64 -15.09 -36.42 -7.52
CA VAL B 64 -14.43 -35.16 -7.86
C VAL B 64 -12.94 -35.30 -7.60
N ASP B 65 -12.14 -34.46 -8.26
CA ASP B 65 -10.70 -34.50 -8.09
C ASP B 65 -10.26 -33.68 -6.87
N LEU B 66 -10.98 -32.59 -6.60
CA LEU B 66 -10.64 -31.69 -5.51
C LEU B 66 -11.90 -31.12 -4.89
N VAL B 67 -11.77 -30.57 -3.69
CA VAL B 67 -12.91 -29.94 -3.04
C VAL B 67 -12.51 -28.57 -2.52
N ILE B 68 -13.29 -27.55 -2.84
CA ILE B 68 -13.04 -26.22 -2.32
C ILE B 68 -14.41 -25.74 -1.86
N ALA B 69 -14.53 -25.53 -0.55
CA ALA B 69 -15.79 -25.11 0.05
C ALA B 69 -15.51 -24.70 1.50
N SER B 70 -14.92 -23.51 1.67
CA SER B 70 -14.58 -23.01 3.00
C SER B 70 -14.17 -24.20 3.87
N ILE B 72 -12.00 -26.20 6.29
CA ILE B 72 -10.98 -25.93 7.31
C ILE B 72 -10.03 -27.09 7.60
N ILE B 73 -8.74 -26.78 7.64
CA ILE B 73 -7.70 -27.76 7.95
C ILE B 73 -7.79 -28.07 9.46
N THR B 74 -8.03 -29.33 9.81
CA THR B 74 -8.10 -29.73 11.23
C THR B 74 -7.35 -31.05 11.35
N ASP B 75 -6.95 -31.40 12.56
CA ASP B 75 -6.23 -32.65 12.78
C ASP B 75 -7.05 -33.86 12.33
N GLU B 76 -8.34 -33.85 12.65
CA GLU B 76 -9.24 -34.95 12.28
C GLU B 76 -9.33 -35.18 10.76
N ARG B 77 -9.55 -34.10 10.01
CA ARG B 77 -9.65 -34.24 8.57
C ARG B 77 -8.33 -34.61 7.93
N LYS B 78 -7.24 -34.10 8.50
CA LYS B 78 -5.92 -34.42 7.95
C LYS B 78 -5.61 -35.90 8.03
N LYS B 79 -6.30 -36.62 8.92
CA LYS B 79 -6.06 -38.06 9.03
C LYS B 79 -6.58 -38.82 7.82
N HIS B 80 -7.60 -38.28 7.15
CA HIS B 80 -8.19 -38.94 5.99
C HIS B 80 -7.99 -38.22 4.64
N PHE B 81 -7.56 -36.96 4.68
CA PHE B 81 -7.36 -36.19 3.46
C PHE B 81 -6.09 -35.37 3.56
N ILE B 82 -5.69 -34.77 2.45
CA ILE B 82 -4.53 -33.88 2.45
C ILE B 82 -5.08 -32.53 2.03
N PHE B 83 -4.32 -31.48 2.31
CA PHE B 83 -4.74 -30.12 2.00
C PHE B 83 -3.66 -29.33 1.30
N SER B 84 -4.07 -28.36 0.49
CA SER B 84 -3.11 -27.51 -0.18
C SER B 84 -2.74 -26.48 0.88
N LEU B 85 -1.87 -25.54 0.54
CA LEU B 85 -1.53 -24.49 1.48
C LEU B 85 -2.85 -23.75 1.69
N PRO B 86 -3.12 -23.26 2.92
CA PRO B 86 -4.39 -22.54 3.11
C PRO B 86 -4.38 -21.23 2.31
N TYR B 87 -5.54 -20.82 1.81
CA TYR B 87 -5.64 -19.59 1.01
C TYR B 87 -6.27 -18.46 1.81
N GLU B 89 -7.26 -17.36 6.28
CA GLU B 89 -7.33 -17.71 7.69
C GLU B 89 -8.75 -18.18 8.04
N SER B 90 -8.88 -19.19 8.89
CA SER B 90 -10.20 -19.68 9.26
C SER B 90 -10.65 -19.19 10.65
N ASN B 91 -11.84 -18.59 10.69
CA ASN B 91 -12.44 -18.07 11.91
C ASN B 91 -13.93 -18.35 11.89
N SER B 92 -14.50 -18.63 13.05
CA SER B 92 -15.93 -18.88 13.16
C SER B 92 -16.53 -17.69 13.90
N GLN B 93 -17.86 -17.65 13.97
CA GLN B 93 -18.55 -16.54 14.61
C GLN B 93 -19.94 -16.96 15.09
N TYR B 94 -20.30 -16.59 16.32
CA TYR B 94 -21.63 -16.92 16.81
C TYR B 94 -22.58 -15.84 16.30
N ILE B 95 -23.77 -16.23 15.88
CA ILE B 95 -24.74 -15.26 15.38
C ILE B 95 -26.14 -15.64 15.88
N THR B 96 -26.98 -14.63 16.12
CA THR B 96 -28.34 -14.89 16.59
C THR B 96 -29.30 -13.83 16.06
N THR B 97 -30.60 -13.98 16.32
CA THR B 97 -31.58 -13.01 15.88
C THR B 97 -31.39 -11.72 16.67
N VAL B 98 -31.62 -10.59 16.02
CA VAL B 98 -31.45 -9.29 16.64
C VAL B 98 -32.27 -9.12 17.93
N ASP B 99 -33.42 -9.78 17.99
CA ASP B 99 -34.28 -9.68 19.16
C ASP B 99 -33.91 -10.63 20.30
N SER B 100 -33.01 -11.57 20.03
CA SER B 100 -32.59 -12.53 21.05
C SER B 100 -32.03 -11.85 22.30
N LYS B 101 -32.31 -12.44 23.47
CA LYS B 101 -31.81 -11.90 24.74
C LYS B 101 -30.31 -12.11 24.87
N ILE B 102 -29.78 -13.05 24.10
CA ILE B 102 -28.35 -13.34 24.13
C ILE B 102 -27.56 -12.15 23.60
N SER B 103 -26.46 -11.80 24.25
CA SER B 103 -25.65 -10.67 23.80
C SER B 103 -24.15 -10.86 24.04
N THR B 104 -23.78 -11.89 24.80
CA THR B 104 -22.38 -12.17 25.09
C THR B 104 -22.14 -13.68 25.14
N PHE B 105 -20.88 -14.07 25.24
CA PHE B 105 -20.53 -15.50 25.31
C PHE B 105 -21.15 -16.18 26.52
N ASP B 106 -21.16 -15.48 27.67
CA ASP B 106 -21.73 -16.05 28.88
C ASP B 106 -23.20 -16.40 28.71
N ASP B 107 -23.90 -15.63 27.88
CA ASP B 107 -25.31 -15.86 27.62
C ASP B 107 -25.57 -17.14 26.82
N LEU B 108 -24.52 -17.67 26.19
CA LEU B 108 -24.65 -18.88 25.38
C LEU B 108 -24.75 -20.14 26.23
N HIS B 109 -24.37 -20.04 27.50
CA HIS B 109 -24.44 -21.20 28.39
C HIS B 109 -25.81 -21.84 28.39
N GLY B 110 -25.84 -23.15 28.18
CA GLY B 110 -27.09 -23.89 28.18
C GLY B 110 -28.06 -23.66 27.01
N LYS B 111 -27.57 -23.14 25.89
CA LYS B 111 -28.40 -22.87 24.73
C LYS B 111 -28.23 -23.91 23.62
N LYS B 112 -29.18 -23.94 22.68
CA LYS B 112 -29.09 -24.86 21.55
C LYS B 112 -28.35 -24.11 20.45
N ILE B 113 -27.26 -24.68 19.95
CA ILE B 113 -26.49 -24.02 18.91
C ILE B 113 -26.62 -24.76 17.58
N GLY B 114 -26.96 -24.02 16.53
CA GLY B 114 -27.09 -24.62 15.21
C GLY B 114 -25.73 -24.70 14.54
N VAL B 115 -25.45 -25.83 13.90
CA VAL B 115 -24.18 -26.03 13.21
C VAL B 115 -24.40 -26.70 11.84
N ARG B 116 -23.57 -26.32 10.87
CA ARG B 116 -23.65 -26.91 9.52
C ARG B 116 -22.99 -28.28 9.61
N LYS B 117 -23.72 -29.33 9.26
CA LYS B 117 -23.18 -30.69 9.33
C LYS B 117 -21.98 -30.85 8.43
N GLY B 118 -20.90 -31.42 8.98
CA GLY B 118 -19.68 -31.62 8.21
C GLY B 118 -18.53 -30.72 8.64
N THR B 119 -18.86 -29.56 9.20
CA THR B 119 -17.84 -28.61 9.65
C THR B 119 -17.30 -29.02 11.02
N PRO B 120 -16.22 -28.36 11.47
CA PRO B 120 -15.68 -28.71 12.78
C PRO B 120 -16.37 -27.88 13.87
N TYR B 121 -17.48 -27.24 13.52
CA TYR B 121 -18.18 -26.39 14.48
C TYR B 121 -18.88 -27.08 15.64
N ALA B 122 -19.42 -28.27 15.43
CA ALA B 122 -20.05 -29.00 16.52
C ALA B 122 -18.96 -29.32 17.57
N ARG B 123 -17.79 -29.73 17.09
CA ARG B 123 -16.66 -30.06 17.94
C ARG B 123 -16.19 -28.80 18.68
N GLN B 124 -16.17 -27.66 17.98
CA GLN B 124 -15.77 -26.40 18.59
C GLN B 124 -16.73 -26.03 19.71
N VAL B 125 -18.03 -26.11 19.44
CA VAL B 125 -19.01 -25.77 20.46
C VAL B 125 -18.79 -26.57 21.75
N LEU B 126 -18.72 -27.90 21.60
CA LEU B 126 -18.54 -28.78 22.75
C LEU B 126 -17.22 -28.57 23.46
N SER B 127 -16.19 -28.15 22.74
CA SER B 127 -14.88 -27.94 23.34
C SER B 127 -14.87 -26.68 24.20
N GLU B 128 -15.79 -25.75 23.94
CA GLU B 128 -15.88 -24.50 24.69
C GLU B 128 -16.59 -24.69 26.03
N ASN B 129 -17.15 -25.88 26.22
CA ASN B 129 -17.84 -26.29 27.44
C ASN B 129 -18.74 -25.24 28.09
N ARG B 130 -19.88 -24.96 27.46
CA ARG B 130 -20.84 -24.01 27.98
C ARG B 130 -22.17 -24.73 28.11
N ASN B 131 -22.12 -26.05 28.15
CA ASN B 131 -23.31 -26.90 28.26
C ASN B 131 -24.33 -26.63 27.16
N ASN B 132 -23.89 -26.72 25.90
CA ASN B 132 -24.77 -26.47 24.77
C ASN B 132 -25.21 -27.75 24.07
N GLN B 133 -26.38 -27.71 23.45
CA GLN B 133 -26.88 -28.85 22.70
C GLN B 133 -26.66 -28.45 21.24
N VAL B 134 -26.01 -29.32 20.48
CA VAL B 134 -25.73 -29.02 19.09
C VAL B 134 -26.78 -29.60 18.14
N ILE B 135 -27.35 -28.74 17.32
CA ILE B 135 -28.35 -29.16 16.34
C ILE B 135 -27.71 -29.07 14.95
N PHE B 136 -27.64 -30.20 14.27
CA PHE B 136 -27.02 -30.28 12.96
C PHE B 136 -27.97 -29.92 11.82
N TYR B 137 -27.47 -29.08 10.91
CA TYR B 137 -28.24 -28.65 9.75
C TYR B 137 -27.45 -29.04 8.51
N GLU B 138 -28.12 -29.65 7.54
CA GLU B 138 -27.42 -30.03 6.32
C GLU B 138 -27.18 -28.83 5.42
N LEU B 139 -28.10 -27.88 5.43
CA LEU B 139 -28.01 -26.68 4.60
C LEU B 139 -27.99 -25.37 5.39
N ILE B 140 -27.18 -24.41 4.93
CA ILE B 140 -27.10 -23.11 5.59
C ILE B 140 -28.47 -22.43 5.68
N GLN B 141 -29.28 -22.52 4.63
CA GLN B 141 -30.59 -21.88 4.67
C GLN B 141 -31.53 -22.51 5.67
N ASP B 142 -31.42 -23.81 5.86
CA ASP B 142 -32.26 -24.52 6.83
C ASP B 142 -31.86 -24.09 8.24
N LEU B 144 -30.39 -21.19 9.20
CA LEU B 144 -30.80 -19.81 9.46
C LEU B 144 -32.31 -19.75 9.69
N LEU B 145 -33.05 -20.57 8.96
CA LEU B 145 -34.51 -20.63 9.11
C LEU B 145 -34.81 -21.24 10.48
N GLY B 146 -34.05 -22.25 10.86
CA GLY B 146 -34.24 -22.88 12.16
C GLY B 146 -34.01 -21.86 13.26
N LEU B 147 -33.00 -21.02 13.07
CA LEU B 147 -32.68 -19.98 14.04
C LEU B 147 -33.86 -19.01 14.13
N SER B 148 -34.38 -18.59 12.98
CA SER B 148 -35.52 -17.67 12.98
C SER B 148 -36.79 -18.30 13.53
N ASN B 149 -36.86 -19.63 13.48
CA ASN B 149 -38.00 -20.37 13.99
C ASN B 149 -37.78 -20.80 15.43
N ASN B 150 -36.77 -20.22 16.05
CA ASN B 150 -36.41 -20.50 17.44
C ASN B 150 -36.20 -21.99 17.73
N GLN B 151 -35.70 -22.71 16.73
CA GLN B 151 -35.40 -24.14 16.87
C GLN B 151 -34.01 -24.24 17.51
N VAL B 152 -33.22 -23.19 17.34
CA VAL B 152 -31.90 -23.08 17.94
C VAL B 152 -31.83 -21.64 18.45
N ASP B 153 -31.06 -21.41 19.50
CA ASP B 153 -30.94 -20.07 20.07
C ASP B 153 -29.87 -19.23 19.39
N ALA B 154 -28.94 -19.89 18.73
CA ALA B 154 -27.85 -19.19 18.07
C ALA B 154 -27.19 -20.15 17.10
N SER B 155 -26.33 -19.62 16.25
CA SER B 155 -25.63 -20.45 15.28
C SER B 155 -24.15 -20.12 15.19
N LEU B 156 -23.32 -21.14 15.02
CA LEU B 156 -21.89 -20.97 14.89
C LEU B 156 -21.55 -21.28 13.42
N ASP B 158 -18.98 -19.82 9.63
CA ASP B 158 -17.78 -19.14 9.15
C ASP B 158 -17.95 -17.66 9.44
N TYR B 159 -16.84 -17.02 9.81
CA TYR B 159 -16.84 -15.60 10.15
C TYR B 159 -17.32 -14.74 8.98
N GLU B 160 -16.69 -14.93 7.82
CA GLU B 160 -17.06 -14.15 6.65
C GLU B 160 -18.51 -14.36 6.22
N ALA B 161 -19.06 -15.55 6.47
CA ALA B 161 -20.46 -15.81 6.14
C ALA B 161 -21.37 -15.04 7.10
N ALA B 162 -21.04 -15.06 8.39
CA ALA B 162 -21.85 -14.33 9.37
C ALA B 162 -21.86 -12.85 8.99
N LYS B 163 -20.68 -12.35 8.62
CA LYS B 163 -20.46 -10.98 8.20
C LYS B 163 -21.37 -10.66 7.01
N TYR B 164 -21.46 -11.60 6.08
CA TYR B 164 -22.31 -11.45 4.90
C TYR B 164 -23.78 -11.39 5.30
N TRP B 165 -24.21 -12.29 6.18
CA TRP B 165 -25.61 -12.32 6.58
C TRP B 165 -26.13 -11.08 7.27
N ALA B 167 -24.92 -7.85 6.27
CA ALA B 167 -24.70 -6.73 5.38
C ALA B 167 -25.61 -7.03 4.20
N SER B 168 -26.61 -7.88 4.42
CA SER B 168 -27.55 -8.26 3.35
C SER B 168 -28.87 -8.81 3.91
N GLU B 169 -29.16 -8.52 5.17
CA GLU B 169 -30.39 -9.01 5.76
C GLU B 169 -31.23 -7.95 6.47
N PRO B 170 -32.20 -7.34 5.76
CA PRO B 170 -32.50 -7.62 4.35
C PRO B 170 -31.71 -6.66 3.46
N TYR B 171 -32.33 -6.18 2.39
CA TYR B 171 -31.68 -5.24 1.49
C TYR B 171 -32.47 -3.93 1.43
N ALA B 172 -33.47 -3.85 2.30
CA ALA B 172 -34.34 -2.68 2.41
C ALA B 172 -34.43 -2.39 3.90
N TYR B 173 -33.26 -2.23 4.52
CA TYR B 173 -33.15 -1.99 5.96
C TYR B 173 -32.52 -0.64 6.28
N LYS B 174 -32.68 0.34 5.40
CA LYS B 174 -32.11 1.66 5.63
C LYS B 174 -32.29 2.04 7.10
N LEU B 175 -33.43 1.66 7.66
CA LEU B 175 -33.76 1.92 9.05
C LEU B 175 -34.61 0.77 9.58
N ILE B 176 -34.96 -0.15 8.69
CA ILE B 176 -35.76 -1.32 9.04
C ILE B 176 -34.93 -2.21 9.97
N GLY B 177 -33.65 -1.85 10.10
CA GLY B 177 -32.75 -2.61 10.96
C GLY B 177 -32.35 -3.95 10.38
N LYS B 178 -31.38 -4.59 11.02
CA LYS B 178 -30.91 -5.90 10.57
C LYS B 178 -31.66 -7.01 11.29
N LYS B 179 -31.68 -8.19 10.69
CA LYS B 179 -32.38 -9.33 11.27
C LYS B 179 -31.49 -10.12 12.22
N TYR B 180 -30.18 -9.92 12.13
CA TYR B 180 -29.26 -10.64 12.99
C TYR B 180 -28.28 -9.71 13.71
N LYS B 181 -27.55 -10.30 14.65
CA LYS B 181 -26.53 -9.60 15.40
C LYS B 181 -25.46 -10.63 15.76
N LEU B 182 -24.21 -10.20 15.80
CA LEU B 182 -23.11 -11.10 16.12
C LEU B 182 -22.91 -11.19 17.63
N ILE B 183 -22.57 -12.37 18.09
CA ILE B 183 -22.32 -12.60 19.51
C ILE B 183 -20.83 -12.89 19.71
N GLY B 184 -20.15 -11.95 20.37
CA GLY B 184 -18.74 -12.11 20.63
C GLY B 184 -17.86 -11.83 19.42
N LYS B 185 -16.55 -11.88 19.60
CA LYS B 185 -15.63 -11.64 18.48
C LYS B 185 -15.43 -12.93 17.72
N LYS B 186 -14.76 -12.86 16.58
CA LYS B 186 -14.51 -14.06 15.79
C LYS B 186 -13.59 -14.98 16.58
N ILE B 187 -13.73 -16.28 16.33
CA ILE B 187 -12.93 -17.28 17.02
C ILE B 187 -12.02 -18.02 16.03
N SER B 188 -10.75 -18.15 16.38
CA SER B 188 -9.80 -18.83 15.54
C SER B 188 -10.12 -20.32 15.62
N ILE B 189 -10.17 -20.97 14.47
CA ILE B 189 -10.47 -22.40 14.43
C ILE B 189 -9.77 -23.05 13.25
N GLY B 190 -9.05 -24.13 13.54
CA GLY B 190 -8.35 -24.86 12.50
C GLY B 190 -7.10 -24.13 12.02
N GLU B 191 -6.57 -24.56 10.88
CA GLU B 191 -5.36 -23.96 10.35
C GLU B 191 -5.57 -23.32 8.97
N GLY B 192 -6.78 -22.80 8.75
CA GLY B 192 -7.08 -22.12 7.50
C GLY B 192 -7.95 -22.85 6.49
N TYR B 193 -8.61 -22.09 5.61
CA TYR B 193 -9.44 -22.68 4.57
C TYR B 193 -8.47 -23.19 3.49
N SER B 194 -8.73 -24.38 2.97
CA SER B 194 -7.83 -24.97 2.00
C SER B 194 -8.52 -25.87 0.99
N ILE B 195 -7.78 -26.23 -0.05
CA ILE B 195 -8.30 -27.13 -1.07
C ILE B 195 -7.98 -28.53 -0.60
N ALA B 197 -8.10 -32.92 -0.95
CA ALA B 197 -7.93 -34.01 -1.89
C ALA B 197 -7.62 -35.31 -1.13
N ASN B 198 -7.65 -36.43 -1.86
CA ASN B 198 -7.33 -37.72 -1.24
C ASN B 198 -5.81 -37.77 -1.07
N PRO B 199 -5.34 -38.43 0.00
CA PRO B 199 -3.90 -38.55 0.28
C PRO B 199 -3.01 -38.97 -0.89
N ASP B 200 -3.56 -39.75 -1.82
CA ASP B 200 -2.75 -40.19 -2.96
C ASP B 200 -2.62 -39.12 -4.04
N GLN B 201 -3.24 -37.96 -3.85
CA GLN B 201 -3.17 -36.89 -4.85
C GLN B 201 -2.13 -35.82 -4.52
N PHE B 202 -1.08 -36.21 -3.82
CA PHE B 202 -0.04 -35.27 -3.42
C PHE B 202 0.68 -34.54 -4.56
N VAL B 203 0.78 -35.15 -5.73
CA VAL B 203 1.45 -34.47 -6.84
C VAL B 203 0.65 -33.22 -7.24
N LEU B 204 -0.65 -33.40 -7.42
CA LEU B 204 -1.55 -32.31 -7.78
C LEU B 204 -1.54 -31.23 -6.71
N ILE B 205 -1.60 -31.63 -5.45
CA ILE B 205 -1.59 -30.67 -4.36
C ILE B 205 -0.30 -29.85 -4.34
N LYS B 206 0.83 -30.49 -4.59
CA LYS B 206 2.09 -29.74 -4.61
C LYS B 206 2.12 -28.73 -5.76
N LYS B 207 1.53 -29.09 -6.89
CA LYS B 207 1.51 -28.15 -8.02
C LYS B 207 0.62 -26.97 -7.66
N ILE B 208 -0.48 -27.24 -6.95
CA ILE B 208 -1.40 -26.18 -6.53
C ILE B 208 -0.73 -25.21 -5.55
N ASN B 209 0.03 -25.77 -4.61
CA ASN B 209 0.74 -24.97 -3.61
C ASN B 209 1.70 -23.98 -4.28
N LYS B 210 2.40 -24.42 -5.33
CA LYS B 210 3.31 -23.54 -6.03
C LYS B 210 2.52 -22.41 -6.69
N ILE B 211 1.36 -22.76 -7.24
CA ILE B 211 0.49 -21.80 -7.92
C ILE B 211 -0.05 -20.75 -6.94
N LEU B 212 -0.37 -21.17 -5.72
CA LEU B 212 -0.86 -20.24 -4.71
C LEU B 212 0.27 -19.27 -4.38
N LEU B 213 1.47 -19.81 -4.16
CA LEU B 213 2.60 -18.95 -3.85
C LEU B 213 2.83 -17.93 -4.96
N GLU B 214 2.70 -18.39 -6.21
CA GLU B 214 2.88 -17.53 -7.37
C GLU B 214 1.81 -16.46 -7.45
N GLU B 216 0.28 -15.21 -4.95
CA GLU B 216 0.53 -14.29 -3.86
C GLU B 216 1.68 -13.35 -4.20
N ALA B 217 2.59 -13.83 -5.02
CA ALA B 217 3.75 -13.03 -5.42
C ALA B 217 3.45 -11.99 -6.50
N ASP B 218 2.50 -12.27 -7.39
CA ASP B 218 2.19 -11.34 -8.46
C ASP B 218 0.96 -10.44 -8.25
N GLY B 219 0.34 -10.52 -7.08
CA GLY B 219 -0.80 -9.67 -6.80
C GLY B 219 -2.17 -10.21 -7.17
N THR B 220 -2.20 -11.35 -7.86
CA THR B 220 -3.47 -11.94 -8.26
C THR B 220 -4.30 -12.31 -7.04
N TYR B 221 -3.67 -12.93 -6.07
CA TYR B 221 -4.39 -13.32 -4.86
C TYR B 221 -4.99 -12.11 -4.16
N LEU B 222 -4.15 -11.12 -3.87
CA LEU B 222 -4.58 -9.91 -3.18
C LEU B 222 -5.74 -9.22 -3.91
N ARG B 223 -5.64 -9.14 -5.23
CA ARG B 223 -6.68 -8.51 -6.03
C ARG B 223 -8.01 -9.24 -5.81
N LEU B 224 -8.00 -10.55 -5.98
CA LEU B 224 -9.22 -11.34 -5.78
C LEU B 224 -9.73 -11.24 -4.35
N TYR B 225 -8.83 -11.36 -3.38
CA TYR B 225 -9.21 -11.29 -1.97
C TYR B 225 -9.87 -9.97 -1.59
N SER B 226 -9.20 -8.86 -1.94
CA SER B 226 -9.72 -7.54 -1.60
C SER B 226 -11.08 -7.27 -2.23
N GLU B 227 -11.41 -8.01 -3.28
CA GLU B 227 -12.70 -7.83 -3.96
C GLU B 227 -13.86 -8.36 -3.13
N TYR B 228 -13.59 -9.33 -2.27
CA TYR B 228 -14.62 -9.92 -1.45
C TYR B 228 -14.55 -9.50 0.01
N PHE B 229 -13.33 -9.32 0.50
CA PHE B 229 -13.13 -9.00 1.90
C PHE B 229 -12.46 -7.66 2.23
N SER C 2 -3.24 14.10 -29.60
CA SER C 2 -1.89 14.76 -29.48
C SER C 2 -1.60 15.16 -28.03
N LEU C 3 -0.71 14.42 -27.39
CA LEU C 3 -0.33 14.71 -26.00
C LEU C 3 0.92 13.94 -25.62
N ASN C 4 2.06 14.48 -26.02
CA ASN C 4 3.36 13.87 -25.73
C ASN C 4 4.20 14.86 -24.94
N LEU C 5 4.74 14.40 -23.82
CA LEU C 5 5.54 15.28 -22.97
C LEU C 5 7.00 14.87 -22.87
N THR C 6 7.89 15.86 -22.93
CA THR C 6 9.31 15.61 -22.79
C THR C 6 9.68 16.22 -21.44
N ILE C 7 10.09 15.37 -20.51
CA ILE C 7 10.43 15.83 -19.18
C ILE C 7 11.93 15.81 -18.91
N GLY C 8 12.44 16.92 -18.40
CA GLY C 8 13.85 16.99 -18.07
C GLY C 8 14.04 16.65 -16.60
N THR C 9 15.00 15.79 -16.30
CA THR C 9 15.32 15.42 -14.92
C THR C 9 16.85 15.36 -14.77
N SER C 10 17.36 15.21 -13.54
CA SER C 10 18.80 15.19 -13.36
C SER C 10 19.39 13.80 -13.59
N LYS C 11 20.70 13.74 -13.77
CA LYS C 11 21.39 12.48 -14.02
C LYS C 11 21.70 11.64 -12.79
N PHE C 12 21.88 12.27 -11.63
CA PHE C 12 22.21 11.51 -10.45
C PHE C 12 21.93 12.18 -9.10
N ASN C 13 20.87 11.73 -8.43
CA ASN C 13 20.53 12.22 -7.10
C ASN C 13 19.53 11.28 -6.43
N PRO C 14 19.96 10.05 -6.13
CA PRO C 14 19.09 9.07 -5.48
C PRO C 14 18.62 9.59 -4.13
N PRO C 15 17.40 9.23 -3.69
CA PRO C 15 16.41 8.37 -4.33
C PRO C 15 15.45 9.06 -5.31
N PHE C 16 15.76 10.29 -5.71
CA PHE C 16 14.88 11.01 -6.62
C PHE C 16 14.98 10.49 -8.06
N GLU C 17 16.20 10.38 -8.57
CA GLU C 17 16.45 9.84 -9.91
C GLU C 17 17.90 9.45 -10.11
N VAL C 18 18.09 8.40 -10.92
CA VAL C 18 19.41 7.92 -11.26
C VAL C 18 19.43 7.51 -12.74
N TRP C 19 20.39 8.04 -13.47
CA TRP C 19 20.57 7.73 -14.87
C TRP C 19 21.82 6.87 -14.94
N SER C 20 21.64 5.56 -15.06
CA SER C 20 22.76 4.64 -15.12
C SER C 20 23.30 4.53 -16.54
N GLY C 21 22.72 5.29 -17.44
CA GLY C 21 23.15 5.25 -18.83
C GLY C 21 21.98 4.80 -19.69
N ASN C 22 21.62 3.52 -19.55
CA ASN C 22 20.51 2.95 -20.30
C ASN C 22 20.28 1.49 -19.97
N ASN C 23 20.93 1.00 -18.91
CA ASN C 23 20.79 -0.39 -18.48
C ASN C 23 19.39 -0.61 -17.89
N SER C 24 18.73 0.50 -17.58
CA SER C 24 17.39 0.51 -17.01
C SER C 24 16.88 1.93 -17.17
N SER C 25 17.69 2.75 -17.85
CA SER C 25 17.37 4.14 -18.11
C SER C 25 17.36 4.93 -16.80
N LEU C 26 16.20 5.49 -16.46
CA LEU C 26 16.04 6.27 -15.26
C LEU C 26 15.12 5.62 -14.25
N TYR C 27 15.51 5.65 -12.99
CA TYR C 27 14.68 5.10 -11.92
C TYR C 27 14.78 6.00 -10.69
N GLY C 28 13.71 6.00 -9.90
CA GLY C 28 13.67 6.81 -8.70
C GLY C 28 12.29 7.39 -8.45
N PHE C 29 12.09 7.99 -7.27
CA PHE C 29 10.80 8.57 -6.93
C PHE C 29 10.27 9.57 -7.96
N ASP C 30 11.09 10.56 -8.35
CA ASP C 30 10.65 11.55 -9.35
C ASP C 30 10.21 10.87 -10.65
N ILE C 31 10.89 9.80 -11.02
CA ILE C 31 10.56 9.09 -12.26
C ILE C 31 9.18 8.44 -12.16
N ASP C 32 8.96 7.66 -11.11
CA ASP C 32 7.68 6.97 -10.90
C ASP C 32 6.53 7.97 -10.78
N LEU C 33 6.75 9.04 -10.02
CA LEU C 33 5.70 10.05 -9.86
C LEU C 33 5.32 10.70 -11.20
N GLN C 35 5.75 9.58 -14.24
CA GLN C 35 5.14 8.58 -15.12
C GLN C 35 3.67 8.35 -14.76
N GLU C 36 3.38 8.33 -13.46
CA GLU C 36 2.01 8.14 -13.00
C GLU C 36 1.17 9.36 -13.41
N ILE C 37 1.74 10.55 -13.22
CA ILE C 37 1.06 11.78 -13.59
C ILE C 37 0.71 11.77 -15.09
N CYS C 38 1.70 11.43 -15.93
CA CYS C 38 1.48 11.37 -17.38
C CYS C 38 0.46 10.29 -17.74
N ARG C 39 0.50 9.18 -17.03
CA ARG C 39 -0.44 8.10 -17.28
C ARG C 39 -1.86 8.64 -17.10
N ARG C 40 -2.05 9.43 -16.05
CA ARG C 40 -3.36 10.01 -15.74
C ARG C 40 -3.72 11.17 -16.66
N LEU C 41 -2.71 11.82 -17.20
CA LEU C 41 -2.94 12.91 -18.14
C LEU C 41 -3.26 12.30 -19.50
N HIS C 42 -3.02 11.00 -19.63
CA HIS C 42 -3.23 10.28 -20.90
C HIS C 42 -2.25 10.87 -21.91
N ALA C 43 -1.01 11.02 -21.47
CA ALA C 43 0.05 11.57 -22.31
C ALA C 43 1.26 10.64 -22.31
N THR C 44 2.01 10.63 -23.39
CA THR C 44 3.20 9.80 -23.46
C THR C 44 4.29 10.54 -22.71
N CYS C 45 5.10 9.81 -21.96
CA CYS C 45 6.15 10.41 -21.18
C CYS C 45 7.55 10.01 -21.65
N THR C 46 8.38 10.98 -21.96
CA THR C 46 9.75 10.74 -22.41
C THR C 46 10.70 11.63 -21.60
N PHE C 47 11.64 10.99 -20.90
CA PHE C 47 12.61 11.69 -20.07
C PHE C 47 13.92 12.03 -20.76
N GLU C 48 14.48 13.18 -20.41
CA GLU C 48 15.76 13.63 -20.93
C GLU C 48 16.57 13.94 -19.67
N ALA C 49 17.70 13.26 -19.51
CA ALA C 49 18.56 13.44 -18.33
C ALA C 49 19.59 14.54 -18.55
N TYR C 50 19.69 15.44 -17.59
CA TYR C 50 20.63 16.58 -17.65
C TYR C 50 21.41 16.70 -16.36
N ILE C 51 22.62 17.26 -16.45
CA ILE C 51 23.38 17.52 -15.24
C ILE C 51 22.46 18.59 -14.63
N PHE C 52 22.12 18.45 -13.36
CA PHE C 52 21.20 19.37 -12.68
C PHE C 52 21.22 20.82 -13.17
N ASP C 53 22.40 21.41 -13.13
CA ASP C 53 22.70 22.79 -13.54
C ASP C 53 22.10 23.16 -14.91
N ASP C 54 22.18 22.24 -15.86
CA ASP C 54 21.67 22.49 -17.21
C ASP C 54 20.14 22.43 -17.40
N LEU C 55 19.42 22.03 -16.34
CA LEU C 55 17.95 21.96 -16.42
C LEU C 55 17.27 23.32 -16.60
N PHE C 56 17.78 24.34 -15.93
CA PHE C 56 17.21 25.69 -16.00
C PHE C 56 17.30 26.30 -17.41
N PRO C 57 18.49 26.34 -18.00
CA PRO C 57 18.51 26.93 -19.34
C PRO C 57 17.77 26.03 -20.34
N ALA C 58 17.75 24.72 -20.08
CA ALA C 58 17.06 23.78 -20.97
C ALA C 58 15.55 24.06 -21.02
N LEU C 59 14.96 24.32 -19.86
CA LEU C 59 13.54 24.61 -19.79
C LEU C 59 13.25 25.98 -20.38
N LYS C 60 14.13 26.94 -20.09
CA LYS C 60 13.95 28.30 -20.60
C LYS C 60 14.08 28.30 -22.13
N ASN C 61 14.83 27.35 -22.67
CA ASN C 61 14.98 27.28 -24.11
C ASN C 61 13.92 26.37 -24.73
N ARG C 62 13.00 25.92 -23.88
CA ARG C 62 11.91 25.03 -24.29
C ARG C 62 12.41 23.73 -24.89
N GLU C 63 13.52 23.23 -24.37
CA GLU C 63 14.11 21.99 -24.83
C GLU C 63 13.28 20.84 -24.24
N VAL C 64 12.62 21.13 -23.12
CA VAL C 64 11.75 20.18 -22.44
C VAL C 64 10.48 20.92 -22.07
N ASP C 65 9.40 20.17 -21.80
CA ASP C 65 8.12 20.79 -21.45
C ASP C 65 8.00 21.03 -19.95
N LEU C 66 8.62 20.16 -19.17
CA LEU C 66 8.58 20.25 -17.72
C LEU C 66 9.89 19.71 -17.16
N VAL C 67 10.10 19.96 -15.88
CA VAL C 67 11.28 19.48 -15.20
C VAL C 67 10.88 18.96 -13.82
N ILE C 68 11.41 17.81 -13.45
CA ILE C 68 11.15 17.25 -12.14
C ILE C 68 12.50 16.68 -11.73
N ALA C 69 13.04 17.22 -10.64
CA ALA C 69 14.34 16.83 -10.12
C ALA C 69 14.52 17.46 -8.74
N SER C 70 13.82 16.92 -7.74
CA SER C 70 13.86 17.46 -6.39
C SER C 70 13.99 18.98 -6.47
N ILE C 72 13.07 22.60 -5.59
CA ILE C 72 12.45 23.33 -4.50
C ILE C 72 11.83 24.64 -4.91
N ILE C 73 10.60 24.87 -4.47
CA ILE C 73 9.90 26.12 -4.75
C ILE C 73 10.57 27.18 -3.87
N THR C 74 11.11 28.22 -4.50
CA THR C 74 11.74 29.33 -3.78
C THR C 74 11.27 30.62 -4.44
N ASP C 75 11.39 31.74 -3.73
CA ASP C 75 10.99 33.02 -4.29
C ASP C 75 11.88 33.36 -5.48
N GLU C 76 13.15 32.99 -5.39
CA GLU C 76 14.10 33.27 -6.45
C GLU C 76 13.67 32.62 -7.76
N ARG C 77 13.41 31.31 -7.72
CA ARG C 77 13.00 30.59 -8.91
C ARG C 77 11.62 30.99 -9.42
N LYS C 78 10.74 31.39 -8.51
CA LYS C 78 9.39 31.82 -8.91
C LYS C 78 9.46 33.06 -9.81
N LYS C 79 10.59 33.75 -9.78
CA LYS C 79 10.78 34.94 -10.60
C LYS C 79 10.80 34.63 -12.09
N HIS C 80 11.22 33.42 -12.45
CA HIS C 80 11.32 33.05 -13.86
C HIS C 80 10.66 31.73 -14.23
N PHE C 81 10.06 31.06 -13.25
CA PHE C 81 9.42 29.78 -13.50
C PHE C 81 8.15 29.69 -12.66
N ILE C 82 7.30 28.72 -12.98
CA ILE C 82 6.11 28.49 -12.18
C ILE C 82 6.23 27.06 -11.68
N PHE C 83 5.52 26.76 -10.61
CA PHE C 83 5.58 25.45 -9.99
C PHE C 83 4.22 24.82 -9.80
N SER C 84 4.19 23.49 -9.88
CA SER C 84 2.95 22.78 -9.65
C SER C 84 2.83 22.71 -8.13
N LEU C 85 1.76 22.11 -7.64
CA LEU C 85 1.60 21.95 -6.21
C LEU C 85 2.81 21.11 -5.79
N PRO C 86 3.36 21.38 -4.60
CA PRO C 86 4.51 20.57 -4.16
C PRO C 86 4.04 19.12 -3.97
N TYR C 87 4.89 18.14 -4.30
CA TYR C 87 4.51 16.74 -4.11
C TYR C 87 5.18 16.12 -2.89
N GLU C 89 7.40 17.58 1.05
CA GLU C 89 8.00 18.63 1.85
C GLU C 89 9.50 18.65 1.55
N SER C 90 10.07 19.85 1.39
CA SER C 90 11.49 19.99 1.08
C SER C 90 12.31 20.35 2.33
N ASN C 91 13.34 19.57 2.58
CA ASN C 91 14.25 19.76 3.72
C ASN C 91 15.69 19.48 3.33
N SER C 92 16.60 20.30 3.83
CA SER C 92 18.02 20.10 3.56
C SER C 92 18.64 19.42 4.79
N GLN C 93 19.84 18.90 4.62
CA GLN C 93 20.52 18.16 5.69
C GLN C 93 22.03 18.23 5.56
N TYR C 94 22.73 18.56 6.63
CA TYR C 94 24.18 18.60 6.59
C TYR C 94 24.69 17.19 6.80
N ILE C 95 25.71 16.82 6.04
CA ILE C 95 26.32 15.49 6.13
C ILE C 95 27.84 15.66 6.07
N THR C 96 28.56 14.70 6.65
CA THR C 96 30.03 14.75 6.66
C THR C 96 30.56 13.32 6.72
N THR C 97 31.88 13.16 6.71
CA THR C 97 32.46 11.83 6.80
C THR C 97 32.28 11.36 8.24
N VAL C 98 32.01 10.07 8.43
CA VAL C 98 31.79 9.51 9.76
C VAL C 98 32.90 9.90 10.73
N ASP C 99 34.14 9.89 10.24
CA ASP C 99 35.28 10.24 11.06
C ASP C 99 35.73 11.67 10.80
N SER C 100 34.85 12.60 11.17
CA SER C 100 35.08 14.03 11.02
C SER C 100 35.08 14.68 12.40
N LYS C 101 35.93 15.69 12.59
CA LYS C 101 36.00 16.38 13.87
C LYS C 101 34.66 17.02 14.20
N ILE C 102 33.85 17.24 13.17
CA ILE C 102 32.52 17.84 13.33
C ILE C 102 31.64 16.80 14.02
N SER C 103 31.12 17.14 15.20
CA SER C 103 30.28 16.19 15.92
C SER C 103 28.83 16.63 15.96
N THR C 104 28.61 17.93 16.18
CA THR C 104 27.25 18.44 16.24
C THR C 104 27.04 19.60 15.28
N PHE C 105 25.80 20.04 15.20
CA PHE C 105 25.40 21.15 14.34
C PHE C 105 26.16 22.41 14.75
N ASP C 106 26.55 22.48 16.02
CA ASP C 106 27.25 23.64 16.54
C ASP C 106 28.67 23.80 16.00
N ASP C 107 29.24 22.71 15.48
CA ASP C 107 30.60 22.77 14.93
C ASP C 107 30.66 23.33 13.51
N LEU C 108 29.50 23.61 12.93
CA LEU C 108 29.43 24.12 11.56
C LEU C 108 29.65 25.61 11.38
N HIS C 109 30.85 26.08 11.69
CA HIS C 109 31.22 27.48 11.53
C HIS C 109 32.67 27.53 11.10
N GLY C 110 33.00 28.44 10.20
CA GLY C 110 34.37 28.56 9.72
C GLY C 110 34.80 27.33 8.94
N LYS C 111 33.84 26.69 8.27
CA LYS C 111 34.08 25.48 7.49
C LYS C 111 33.77 25.65 6.02
N LYS C 112 34.20 24.71 5.20
CA LYS C 112 33.93 24.72 3.77
C LYS C 112 32.75 23.77 3.57
N ILE C 113 31.70 24.25 2.89
CA ILE C 113 30.53 23.42 2.67
C ILE C 113 30.27 23.14 1.19
N GLY C 114 30.23 21.87 0.85
CA GLY C 114 29.96 21.49 -0.53
C GLY C 114 28.48 21.64 -0.79
N VAL C 115 28.13 22.18 -1.96
CA VAL C 115 26.74 22.40 -2.35
C VAL C 115 26.54 22.04 -3.84
N ARG C 116 25.36 21.51 -4.17
CA ARG C 116 25.02 21.13 -5.55
C ARG C 116 24.64 22.41 -6.29
N LYS C 117 25.38 22.73 -7.35
CA LYS C 117 25.14 23.93 -8.12
C LYS C 117 23.74 24.01 -8.74
N GLY C 118 23.05 25.13 -8.53
CA GLY C 118 21.72 25.30 -9.07
C GLY C 118 20.62 25.23 -8.02
N THR C 119 20.93 24.63 -6.87
CA THR C 119 19.97 24.49 -5.78
C THR C 119 20.03 25.74 -4.91
N PRO C 120 19.12 25.87 -3.93
CA PRO C 120 19.16 27.05 -3.08
C PRO C 120 20.06 26.85 -1.85
N TYR C 121 20.88 25.81 -1.88
CA TYR C 121 21.73 25.53 -0.73
C TYR C 121 22.89 26.48 -0.47
N ALA C 122 23.48 27.08 -1.51
CA ALA C 122 24.57 28.02 -1.27
C ALA C 122 23.98 29.23 -0.53
N ARG C 123 22.78 29.63 -0.92
CA ARG C 123 22.14 30.77 -0.29
C ARG C 123 21.74 30.42 1.15
N GLN C 124 21.37 29.16 1.38
CA GLN C 124 20.99 28.75 2.73
C GLN C 124 22.20 28.86 3.65
N VAL C 125 23.36 28.41 3.16
CA VAL C 125 24.56 28.46 3.97
C VAL C 125 24.94 29.90 4.32
N LEU C 126 24.87 30.78 3.32
CA LEU C 126 25.21 32.18 3.53
C LEU C 126 24.23 32.86 4.49
N SER C 127 22.95 32.54 4.37
CA SER C 127 21.95 33.15 5.23
C SER C 127 22.17 32.81 6.70
N GLU C 128 22.65 31.60 6.98
CA GLU C 128 22.89 31.16 8.35
C GLU C 128 24.11 31.88 8.93
N ASN C 129 24.83 32.56 8.05
CA ASN C 129 26.03 33.33 8.39
C ASN C 129 26.90 32.79 9.52
N ARG C 130 27.58 31.68 9.28
CA ARG C 130 28.46 31.09 10.29
C ARG C 130 29.89 31.05 9.74
N ASN C 131 30.21 32.03 8.91
CA ASN C 131 31.54 32.14 8.30
C ASN C 131 31.96 30.87 7.58
N ASN C 132 31.01 30.30 6.83
CA ASN C 132 31.27 29.09 6.06
C ASN C 132 31.50 29.46 4.60
N GLN C 133 32.42 28.75 3.96
CA GLN C 133 32.74 29.00 2.56
C GLN C 133 32.00 27.95 1.72
N VAL C 134 31.27 28.42 0.73
CA VAL C 134 30.53 27.51 -0.14
C VAL C 134 31.38 27.09 -1.33
N ILE C 135 31.48 25.78 -1.55
CA ILE C 135 32.21 25.24 -2.68
C ILE C 135 31.16 24.62 -3.58
N PHE C 136 31.12 25.06 -4.83
CA PHE C 136 30.14 24.58 -5.80
C PHE C 136 30.57 23.34 -6.59
N TYR C 137 29.70 22.33 -6.61
CA TYR C 137 29.92 21.09 -7.34
C TYR C 137 28.76 20.87 -8.32
N GLU C 138 29.08 20.67 -9.59
CA GLU C 138 28.03 20.47 -10.59
C GLU C 138 27.40 19.09 -10.47
N LEU C 139 28.19 18.10 -10.07
CA LEU C 139 27.71 16.72 -9.92
C LEU C 139 27.75 16.23 -8.46
N ILE C 140 26.72 15.49 -8.07
CA ILE C 140 26.62 14.93 -6.72
C ILE C 140 27.80 14.03 -6.38
N GLN C 141 28.22 13.18 -7.32
CA GLN C 141 29.34 12.29 -7.06
C GLN C 141 30.65 13.04 -6.79
N ASP C 142 30.85 14.18 -7.47
CA ASP C 142 32.06 14.98 -7.27
C ASP C 142 32.02 15.68 -5.91
N LEU C 144 30.49 14.42 -3.26
CA LEU C 144 30.71 13.38 -2.27
C LEU C 144 32.19 12.98 -2.22
N LEU C 145 32.84 12.95 -3.37
CA LEU C 145 34.27 12.61 -3.44
C LEU C 145 35.09 13.68 -2.74
N GLY C 146 34.73 14.94 -2.98
CA GLY C 146 35.45 16.04 -2.36
C GLY C 146 35.30 16.01 -0.85
N LEU C 147 34.12 15.63 -0.38
CA LEU C 147 33.84 15.54 1.05
C LEU C 147 34.77 14.50 1.67
N SER C 148 34.88 13.34 1.02
CA SER C 148 35.73 12.26 1.49
C SER C 148 37.21 12.65 1.47
N ASN C 149 37.61 13.36 0.43
CA ASN C 149 39.00 13.78 0.29
C ASN C 149 39.27 15.15 0.91
N ASN C 150 38.41 15.50 1.86
CA ASN C 150 38.52 16.75 2.62
C ASN C 150 38.59 18.08 1.87
N GLN C 151 38.11 18.11 0.63
CA GLN C 151 38.12 19.37 -0.11
C GLN C 151 37.15 20.29 0.63
N VAL C 152 36.10 19.68 1.18
CA VAL C 152 35.11 20.42 1.96
C VAL C 152 35.00 19.71 3.32
N ASP C 153 34.52 20.41 4.33
CA ASP C 153 34.38 19.84 5.67
C ASP C 153 33.06 19.10 5.81
N ALA C 154 32.08 19.53 5.02
CA ALA C 154 30.76 18.93 5.04
C ALA C 154 29.99 19.41 3.82
N SER C 155 28.83 18.79 3.61
CA SER C 155 27.98 19.14 2.49
C SER C 155 26.54 19.35 2.95
N LEU C 156 25.82 20.21 2.24
CA LEU C 156 24.41 20.48 2.51
C LEU C 156 23.63 19.99 1.30
N ASP C 158 19.76 17.57 -0.10
CA ASP C 158 18.38 17.15 0.16
C ASP C 158 18.38 16.12 1.30
N TYR C 159 17.45 16.30 2.22
CA TYR C 159 17.34 15.38 3.35
C TYR C 159 17.27 13.91 2.93
N GLU C 160 16.29 13.56 2.09
CA GLU C 160 16.14 12.17 1.67
C GLU C 160 17.37 11.65 0.94
N ALA C 161 18.12 12.54 0.29
CA ALA C 161 19.33 12.13 -0.42
C ALA C 161 20.41 11.82 0.62
N ALA C 162 20.50 12.66 1.65
CA ALA C 162 21.48 12.46 2.70
C ALA C 162 21.21 11.12 3.41
N LYS C 163 19.93 10.84 3.67
CA LYS C 163 19.56 9.58 4.33
C LYS C 163 19.98 8.38 3.47
N TYR C 164 19.82 8.52 2.16
CA TYR C 164 20.19 7.46 1.22
C TYR C 164 21.68 7.12 1.34
N TRP C 165 22.52 8.15 1.30
CA TRP C 165 23.96 7.98 1.39
C TRP C 165 24.37 7.49 2.76
N ALA C 167 22.75 5.13 4.26
CA ALA C 167 22.41 3.71 4.30
C ALA C 167 23.09 2.87 3.21
N SER C 168 24.18 3.38 2.66
CA SER C 168 24.91 2.68 1.62
C SER C 168 26.04 3.53 1.05
N GLU C 169 27.25 2.98 1.01
CA GLU C 169 28.40 3.70 0.48
C GLU C 169 29.69 2.88 0.51
N PRO C 170 29.86 1.98 -0.47
CA PRO C 170 28.88 1.71 -1.55
C PRO C 170 27.83 0.70 -1.09
N TYR C 171 28.31 -0.40 -0.52
CA TYR C 171 27.48 -1.49 -0.03
C TYR C 171 27.45 -1.49 1.50
N ALA C 172 28.28 -2.32 2.11
CA ALA C 172 28.36 -2.40 3.56
C ALA C 172 29.58 -1.63 4.05
N TYR C 173 29.38 -0.36 4.34
CA TYR C 173 30.45 0.52 4.82
C TYR C 173 30.89 0.16 6.24
N LYS C 174 30.91 -1.14 6.55
CA LYS C 174 31.31 -1.61 7.87
C LYS C 174 32.77 -2.06 7.95
N LEU C 175 33.63 -1.42 7.16
CA LEU C 175 35.04 -1.74 7.17
C LEU C 175 35.86 -0.56 7.69
N ILE C 176 35.75 -0.31 8.99
CA ILE C 176 36.44 0.78 9.67
C ILE C 176 35.74 2.13 9.47
N GLY C 177 34.95 2.54 10.46
CA GLY C 177 34.24 3.80 10.37
C GLY C 177 32.77 3.59 10.05
N LYS C 178 32.29 4.23 8.98
CA LYS C 178 30.90 4.12 8.56
C LYS C 178 30.64 4.98 7.33
N LYS C 179 31.69 5.65 6.85
CA LYS C 179 31.63 6.53 5.69
C LYS C 179 31.06 7.92 5.97
N TYR C 180 29.73 8.03 5.98
CA TYR C 180 29.09 9.32 6.22
C TYR C 180 28.27 9.35 7.51
N LYS C 181 27.98 10.56 7.99
CA LYS C 181 27.17 10.76 9.19
C LYS C 181 26.43 12.09 9.09
N LEU C 182 25.20 12.10 9.61
CA LEU C 182 24.37 13.28 9.58
C LEU C 182 24.72 14.24 10.71
N ILE C 183 24.57 15.54 10.45
CA ILE C 183 24.87 16.56 11.45
C ILE C 183 23.67 17.49 11.60
N GLY C 184 23.06 17.49 12.78
CA GLY C 184 21.91 18.33 13.03
C GLY C 184 20.63 17.69 12.50
N LYS C 185 19.48 18.27 12.85
CA LYS C 185 18.21 17.76 12.37
C LYS C 185 18.00 18.35 10.98
N LYS C 186 17.05 17.81 10.22
CA LYS C 186 16.80 18.34 8.88
C LYS C 186 16.32 19.79 8.99
N ILE C 187 16.55 20.54 7.92
CA ILE C 187 16.20 21.96 7.88
C ILE C 187 15.15 22.27 6.82
N SER C 188 14.10 22.95 7.24
CA SER C 188 13.02 23.35 6.34
C SER C 188 13.58 24.40 5.38
N ILE C 189 13.37 24.21 4.09
CA ILE C 189 13.86 25.15 3.09
C ILE C 189 12.92 25.19 1.90
N GLY C 190 12.56 26.40 1.48
CA GLY C 190 11.66 26.53 0.35
C GLY C 190 10.26 26.06 0.67
N GLU C 191 9.44 25.86 -0.34
CA GLU C 191 8.07 25.46 -0.10
C GLU C 191 7.70 24.09 -0.67
N GLY C 192 8.66 23.17 -0.70
CA GLY C 192 8.39 21.83 -1.19
C GLY C 192 9.00 21.51 -2.54
N TYR C 193 9.11 20.22 -2.86
CA TYR C 193 9.62 19.79 -4.14
C TYR C 193 8.44 19.86 -5.09
N SER C 194 8.69 20.32 -6.32
CA SER C 194 7.61 20.48 -7.28
C SER C 194 8.04 20.37 -8.74
N ILE C 195 7.07 20.18 -9.61
CA ILE C 195 7.35 20.08 -11.04
C ILE C 195 7.41 21.52 -11.57
N ALA C 197 8.04 24.59 -14.62
CA ALA C 197 7.74 24.90 -16.01
C ALA C 197 7.88 26.40 -16.26
N ASN C 198 7.80 26.80 -17.53
CA ASN C 198 7.88 28.23 -17.84
C ASN C 198 6.55 28.86 -17.45
N PRO C 199 6.56 30.16 -17.14
CA PRO C 199 5.33 30.87 -16.75
C PRO C 199 4.14 30.74 -17.70
N ASP C 200 4.42 30.63 -19.00
CA ASP C 200 3.34 30.53 -19.99
C ASP C 200 2.74 29.13 -20.11
N GLN C 201 3.15 28.21 -19.24
CA GLN C 201 2.63 26.85 -19.29
C GLN C 201 1.65 26.60 -18.15
N PHE C 202 0.98 27.65 -17.70
CA PHE C 202 0.04 27.55 -16.60
C PHE C 202 -1.11 26.57 -16.83
N VAL C 203 -1.52 26.38 -18.08
CA VAL C 203 -2.61 25.43 -18.36
C VAL C 203 -2.16 24.01 -18.04
N LEU C 204 -0.96 23.64 -18.48
CA LEU C 204 -0.45 22.30 -18.22
C LEU C 204 -0.17 22.09 -16.73
N ILE C 205 0.26 23.14 -16.04
CA ILE C 205 0.51 23.03 -14.61
C ILE C 205 -0.81 22.80 -13.87
N LYS C 206 -1.86 23.51 -14.29
CA LYS C 206 -3.16 23.34 -13.66
C LYS C 206 -3.72 21.91 -13.82
N LYS C 207 -3.43 21.25 -14.95
CA LYS C 207 -3.90 19.88 -15.18
C LYS C 207 -3.16 18.94 -14.23
N ILE C 208 -1.84 19.12 -14.15
CA ILE C 208 -1.00 18.32 -13.28
C ILE C 208 -1.47 18.49 -11.82
N ASN C 209 -1.83 19.72 -11.43
CA ASN C 209 -2.28 19.93 -10.05
C ASN C 209 -3.53 19.13 -9.71
N LYS C 210 -4.45 19.03 -10.66
CA LYS C 210 -5.65 18.26 -10.39
C LYS C 210 -5.29 16.79 -10.29
N ILE C 211 -4.31 16.36 -11.09
CA ILE C 211 -3.86 14.98 -11.06
C ILE C 211 -3.23 14.66 -9.70
N LEU C 212 -2.42 15.57 -9.18
CA LEU C 212 -1.81 15.36 -7.86
C LEU C 212 -2.90 15.19 -6.82
N LEU C 213 -3.89 16.08 -6.84
CA LEU C 213 -4.99 16.00 -5.89
C LEU C 213 -5.76 14.69 -6.01
N GLU C 214 -5.96 14.22 -7.24
CA GLU C 214 -6.65 12.96 -7.47
C GLU C 214 -5.84 11.77 -6.97
N GLU C 216 -3.68 11.88 -4.58
CA GLU C 216 -3.67 11.95 -3.13
C GLU C 216 -5.00 11.43 -2.57
N ALA C 217 -6.08 11.62 -3.32
CA ALA C 217 -7.40 11.18 -2.87
C ALA C 217 -7.67 9.69 -2.99
N ASP C 218 -7.06 9.03 -3.97
CA ASP C 218 -7.31 7.60 -4.14
C ASP C 218 -6.23 6.67 -3.58
N GLY C 219 -5.30 7.23 -2.82
CA GLY C 219 -4.25 6.41 -2.23
C GLY C 219 -3.00 6.18 -3.06
N THR C 220 -3.08 6.44 -4.36
CA THR C 220 -1.92 6.25 -5.25
C THR C 220 -0.69 7.02 -4.75
N TYR C 221 -0.89 8.25 -4.31
CA TYR C 221 0.23 9.05 -3.82
C TYR C 221 0.87 8.42 -2.58
N LEU C 222 0.05 8.12 -1.58
CA LEU C 222 0.56 7.51 -0.37
C LEU C 222 1.34 6.23 -0.67
N ARG C 223 0.77 5.38 -1.53
CA ARG C 223 1.43 4.13 -1.89
C ARG C 223 2.84 4.40 -2.42
N LEU C 224 2.96 5.24 -3.44
CA LEU C 224 4.26 5.55 -4.01
C LEU C 224 5.21 6.19 -2.98
N TYR C 225 4.70 7.16 -2.23
CA TYR C 225 5.50 7.85 -1.22
C TYR C 225 6.08 6.89 -0.16
N SER C 226 5.22 6.02 0.37
CA SER C 226 5.64 5.08 1.39
C SER C 226 6.65 4.09 0.83
N GLU C 227 6.50 3.73 -0.43
CA GLU C 227 7.43 2.81 -1.08
C GLU C 227 8.87 3.31 -0.99
N TYR C 228 9.04 4.62 -1.12
CA TYR C 228 10.36 5.24 -1.09
C TYR C 228 10.83 5.79 0.24
N PHE C 229 9.93 6.49 0.94
CA PHE C 229 10.29 7.10 2.21
C PHE C 229 9.52 6.53 3.41
N SER D 2 4.10 -11.76 25.22
CA SER D 2 5.36 -11.90 26.02
C SER D 2 6.11 -13.15 25.60
N LEU D 3 6.11 -13.42 24.30
CA LEU D 3 6.82 -14.59 23.79
C LEU D 3 8.34 -14.44 23.93
N ASN D 4 8.87 -13.32 23.46
CA ASN D 4 10.31 -13.07 23.51
C ASN D 4 11.04 -14.17 22.74
N LEU D 5 11.32 -13.91 21.47
CA LEU D 5 11.96 -14.90 20.62
C LEU D 5 13.38 -14.57 20.16
N THR D 6 14.20 -15.61 20.04
CA THR D 6 15.58 -15.48 19.56
C THR D 6 15.59 -16.19 18.20
N ILE D 7 15.79 -15.43 17.13
CA ILE D 7 15.79 -15.99 15.79
C ILE D 7 17.17 -16.14 15.17
N GLY D 8 17.47 -17.37 14.73
CA GLY D 8 18.74 -17.63 14.09
C GLY D 8 18.60 -17.39 12.60
N THR D 9 19.62 -16.76 12.02
CA THR D 9 19.66 -16.47 10.59
C THR D 9 21.12 -16.59 10.16
N SER D 10 21.37 -16.60 8.85
CA SER D 10 22.74 -16.73 8.37
C SER D 10 23.45 -15.37 8.34
N LYS D 11 24.76 -15.42 8.19
CA LYS D 11 25.58 -14.22 8.17
C LYS D 11 25.59 -13.47 6.84
N PHE D 12 25.49 -14.19 5.73
CA PHE D 12 25.55 -13.51 4.44
C PHE D 12 24.93 -14.25 3.24
N ASN D 13 23.81 -13.71 2.75
CA ASN D 13 23.14 -14.28 1.58
C ASN D 13 22.08 -13.30 1.08
N PRO D 14 22.52 -12.18 0.46
CA PRO D 14 21.59 -11.18 -0.08
C PRO D 14 20.81 -11.85 -1.20
N PRO D 15 19.54 -11.45 -1.41
CA PRO D 15 18.80 -10.42 -0.68
C PRO D 15 18.01 -10.93 0.53
N PHE D 16 18.33 -12.13 0.99
CA PHE D 16 17.64 -12.71 2.15
C PHE D 16 18.09 -12.09 3.47
N GLU D 17 19.41 -12.10 3.72
CA GLU D 17 19.98 -11.47 4.91
C GLU D 17 21.45 -11.16 4.75
N VAL D 18 21.87 -10.06 5.35
CA VAL D 18 23.25 -9.62 5.33
C VAL D 18 23.57 -9.08 6.71
N TRP D 19 24.58 -9.67 7.34
CA TRP D 19 25.04 -9.28 8.66
C TRP D 19 26.27 -8.40 8.46
N SER D 20 26.06 -7.13 8.14
CA SER D 20 27.17 -6.21 7.92
C SER D 20 27.88 -5.94 9.24
N GLY D 21 28.61 -6.94 9.72
CA GLY D 21 29.33 -6.82 10.96
C GLY D 21 28.35 -6.61 12.10
N ASN D 22 28.84 -6.09 13.22
CA ASN D 22 27.98 -5.84 14.38
C ASN D 22 27.63 -4.35 14.44
N ASN D 23 27.58 -3.72 13.27
CA ASN D 23 27.26 -2.30 13.15
C ASN D 23 25.77 -2.01 13.14
N SER D 24 25.20 -1.83 11.95
CA SER D 24 23.79 -1.54 11.81
C SER D 24 22.93 -2.81 11.73
N SER D 25 23.28 -3.80 12.54
CA SER D 25 22.53 -5.06 12.56
C SER D 25 22.48 -5.71 11.19
N LEU D 26 21.44 -6.52 10.97
CA LEU D 26 21.27 -7.21 9.71
C LEU D 26 20.08 -6.62 8.97
N TYR D 27 20.03 -6.87 7.67
CA TYR D 27 18.91 -6.40 6.87
C TYR D 27 18.68 -7.38 5.73
N GLY D 28 17.52 -7.29 5.11
CA GLY D 28 17.19 -8.19 4.02
C GLY D 28 15.74 -8.64 4.13
N PHE D 29 15.28 -9.37 3.13
CA PHE D 29 13.91 -9.85 3.12
C PHE D 29 13.59 -10.73 4.34
N ASP D 30 14.42 -11.73 4.62
CA ASP D 30 14.18 -12.58 5.78
C ASP D 30 14.07 -11.76 7.07
N ILE D 31 14.94 -10.76 7.21
CA ILE D 31 14.94 -9.92 8.40
C ILE D 31 13.63 -9.14 8.51
N ASP D 32 13.29 -8.41 7.45
CA ASP D 32 12.05 -7.64 7.43
C ASP D 32 10.81 -8.51 7.66
N LEU D 33 10.77 -9.68 7.03
CA LEU D 33 9.64 -10.58 7.19
C LEU D 33 9.45 -11.02 8.66
N GLN D 35 10.66 -9.75 11.33
CA GLN D 35 10.42 -8.57 12.14
C GLN D 35 8.92 -8.28 12.22
N GLU D 36 8.31 -8.19 11.05
CA GLU D 36 6.88 -7.91 10.94
C GLU D 36 6.03 -9.00 11.58
N ILE D 37 6.45 -10.26 11.43
CA ILE D 37 5.72 -11.36 12.03
C ILE D 37 5.77 -11.26 13.56
N CYS D 38 6.96 -11.00 14.11
CA CYS D 38 7.08 -10.88 15.57
C CYS D 38 6.28 -9.67 16.08
N ARG D 39 6.21 -8.61 15.28
CA ARG D 39 5.46 -7.41 15.68
C ARG D 39 3.98 -7.75 15.79
N ARG D 40 3.48 -8.54 14.85
CA ARG D 40 2.09 -8.94 14.84
C ARG D 40 1.85 -9.99 15.91
N LEU D 41 2.89 -10.75 16.22
CA LEU D 41 2.79 -11.77 17.25
C LEU D 41 2.82 -11.09 18.62
N HIS D 42 3.21 -9.81 18.63
CA HIS D 42 3.33 -9.07 19.88
C HIS D 42 4.42 -9.77 20.68
N ALA D 43 5.53 -10.07 20.00
CA ALA D 43 6.66 -10.73 20.60
C ALA D 43 7.95 -9.98 20.29
N THR D 44 8.83 -9.88 21.28
CA THR D 44 10.09 -9.19 21.06
C THR D 44 10.92 -10.09 20.14
N CYS D 45 11.68 -9.45 19.25
CA CYS D 45 12.48 -10.15 18.26
C CYS D 45 13.98 -9.84 18.37
N THR D 46 14.80 -10.86 18.63
CA THR D 46 16.26 -10.73 18.73
C THR D 46 16.91 -11.73 17.75
N PHE D 47 17.77 -11.20 16.87
CA PHE D 47 18.45 -12.04 15.88
C PHE D 47 19.84 -12.48 16.33
N GLU D 48 20.21 -13.69 15.93
CA GLU D 48 21.52 -14.25 16.23
C GLU D 48 22.03 -14.83 14.91
N ALA D 49 23.14 -14.29 14.41
CA ALA D 49 23.71 -14.73 13.15
C ALA D 49 24.70 -15.88 13.30
N TYR D 50 24.54 -16.88 12.45
CA TYR D 50 25.39 -18.07 12.44
C TYR D 50 25.84 -18.36 11.00
N ILE D 51 26.88 -19.18 10.88
CA ILE D 51 27.34 -19.61 9.58
C ILE D 51 26.17 -20.53 9.21
N PHE D 52 25.68 -20.42 7.99
CA PHE D 52 24.53 -21.23 7.55
C PHE D 52 24.42 -22.65 8.12
N ASP D 53 25.40 -23.49 7.84
CA ASP D 53 25.38 -24.88 8.31
C ASP D 53 25.31 -25.02 9.83
N ASP D 54 25.65 -23.96 10.57
CA ASP D 54 25.58 -24.05 12.03
C ASP D 54 24.18 -23.78 12.57
N LEU D 55 23.27 -23.34 11.72
CA LEU D 55 21.90 -23.06 12.14
C LEU D 55 21.15 -24.32 12.55
N PHE D 56 21.38 -25.40 11.82
CA PHE D 56 20.73 -26.67 12.11
C PHE D 56 21.03 -27.15 13.52
N PRO D 57 22.31 -27.26 13.89
CA PRO D 57 22.58 -27.72 15.25
C PRO D 57 22.15 -26.69 16.31
N ALA D 58 22.25 -25.41 15.97
CA ALA D 58 21.86 -24.34 16.88
C ALA D 58 20.38 -24.46 17.25
N LEU D 59 19.54 -24.63 16.24
CA LEU D 59 18.11 -24.78 16.46
C LEU D 59 17.84 -26.05 17.25
N LYS D 60 18.44 -27.16 16.81
CA LYS D 60 18.25 -28.43 17.48
C LYS D 60 18.68 -28.38 18.95
N ASN D 61 19.75 -27.63 19.24
CA ASN D 61 20.22 -27.51 20.62
C ASN D 61 19.49 -26.41 21.39
N ARG D 62 18.41 -25.91 20.78
CA ARG D 62 17.60 -24.86 21.40
C ARG D 62 18.34 -23.57 21.70
N GLU D 63 19.36 -23.27 20.91
CA GLU D 63 20.11 -22.02 21.09
C GLU D 63 19.26 -20.86 20.57
N VAL D 64 18.44 -21.15 19.58
CA VAL D 64 17.53 -20.16 19.00
C VAL D 64 16.13 -20.76 19.05
N ASP D 65 15.10 -19.93 18.93
CA ASP D 65 13.72 -20.43 18.97
C ASP D 65 13.23 -20.78 17.57
N LEU D 66 13.69 -20.02 16.58
CA LEU D 66 13.28 -20.23 15.21
C LEU D 66 14.45 -19.92 14.29
N VAL D 67 14.33 -20.37 13.04
CA VAL D 67 15.37 -20.12 12.07
C VAL D 67 14.76 -19.65 10.76
N ILE D 68 15.26 -18.52 10.26
CA ILE D 68 14.81 -18.04 8.96
C ILE D 68 16.09 -17.69 8.23
N ALA D 69 16.33 -18.40 7.14
CA ALA D 69 17.55 -18.20 6.36
C ALA D 69 17.37 -18.94 5.04
N SER D 70 16.53 -18.38 4.16
CA SER D 70 16.22 -19.00 2.87
C SER D 70 16.25 -20.51 3.08
N ILE D 72 14.81 -24.02 2.66
CA ILE D 72 13.89 -24.78 1.82
C ILE D 72 13.22 -25.96 2.52
N ILE D 73 11.92 -26.11 2.31
CA ILE D 73 11.21 -27.23 2.91
C ILE D 73 11.54 -28.44 2.06
N THR D 74 12.17 -29.44 2.68
CA THR D 74 12.53 -30.68 1.98
C THR D 74 12.16 -31.87 2.85
N ASP D 75 11.93 -33.03 2.21
CA ASP D 75 11.57 -34.23 2.96
C ASP D 75 12.68 -34.58 3.94
N GLU D 76 13.91 -34.39 3.51
CA GLU D 76 15.07 -34.67 4.33
C GLU D 76 14.99 -33.91 5.65
N ARG D 77 14.91 -32.59 5.57
CA ARG D 77 14.84 -31.77 6.78
C ARG D 77 13.59 -31.98 7.61
N LYS D 78 12.48 -32.38 7.00
CA LYS D 78 11.26 -32.61 7.75
C LYS D 78 11.42 -33.74 8.76
N LYS D 79 12.47 -34.53 8.59
CA LYS D 79 12.75 -35.65 9.49
C LYS D 79 13.17 -35.20 10.89
N HIS D 80 13.71 -33.99 10.99
CA HIS D 80 14.15 -33.48 12.27
C HIS D 80 13.62 -32.07 12.59
N PHE D 81 12.91 -31.48 11.65
CA PHE D 81 12.37 -30.13 11.85
C PHE D 81 10.98 -29.97 11.28
N ILE D 82 10.27 -28.94 11.74
CA ILE D 82 8.95 -28.64 11.19
C ILE D 82 9.08 -27.28 10.54
N PHE D 83 8.16 -26.98 9.64
CA PHE D 83 8.22 -25.73 8.90
C PHE D 83 6.91 -24.96 8.89
N SER D 84 7.01 -23.64 8.83
CA SER D 84 5.84 -22.78 8.76
C SER D 84 5.37 -22.85 7.31
N LEU D 85 4.26 -22.20 7.00
CA LEU D 85 3.79 -22.16 5.63
C LEU D 85 4.93 -21.49 4.89
N PRO D 86 5.16 -21.86 3.61
CA PRO D 86 6.26 -21.21 2.89
C PRO D 86 5.92 -19.75 2.62
N TYR D 87 6.91 -18.86 2.72
CA TYR D 87 6.66 -17.45 2.46
C TYR D 87 7.02 -17.07 1.03
N GLU D 89 8.12 -19.26 -3.08
CA GLU D 89 8.51 -20.43 -3.84
C GLU D 89 10.03 -20.56 -3.82
N SER D 90 10.54 -21.79 -3.76
CA SER D 90 11.97 -22.00 -3.74
C SER D 90 12.53 -22.52 -5.07
N ASN D 91 13.59 -21.87 -5.55
CA ASN D 91 14.22 -22.26 -6.79
C ASN D 91 15.74 -22.10 -6.70
N SER D 92 16.47 -22.99 -7.36
CA SER D 92 17.92 -22.88 -7.36
C SER D 92 18.30 -22.32 -8.73
N GLN D 93 19.56 -21.92 -8.88
CA GLN D 93 20.04 -21.32 -10.13
C GLN D 93 21.53 -21.53 -10.30
N TYR D 94 21.93 -21.96 -11.49
CA TYR D 94 23.33 -22.18 -11.79
C TYR D 94 23.93 -20.84 -12.21
N ILE D 95 25.13 -20.53 -11.69
CA ILE D 95 25.79 -19.28 -12.02
C ILE D 95 27.30 -19.44 -12.19
N THR D 96 27.89 -18.56 -12.98
CA THR D 96 29.34 -18.58 -13.22
C THR D 96 29.78 -17.18 -13.64
N THR D 97 31.07 -17.05 -13.96
CA THR D 97 31.62 -15.75 -14.40
C THR D 97 31.29 -15.54 -15.87
N VAL D 98 31.11 -14.29 -16.27
CA VAL D 98 30.79 -13.98 -17.66
C VAL D 98 31.83 -14.47 -18.66
N ASP D 99 33.09 -14.56 -18.22
CA ASP D 99 34.17 -15.00 -19.09
C ASP D 99 34.37 -16.52 -19.04
N SER D 100 33.37 -17.23 -18.52
CA SER D 100 33.44 -18.69 -18.43
C SER D 100 33.03 -19.30 -19.77
N LYS D 101 33.60 -20.47 -20.09
CA LYS D 101 33.25 -21.13 -21.34
C LYS D 101 31.89 -21.80 -21.27
N ILE D 102 31.45 -22.08 -20.04
CA ILE D 102 30.14 -22.68 -19.83
C ILE D 102 29.15 -21.66 -20.35
N SER D 103 28.44 -22.01 -21.42
CA SER D 103 27.47 -21.09 -22.02
C SER D 103 26.04 -21.55 -21.82
N THR D 104 25.82 -22.85 -21.89
CA THR D 104 24.48 -23.41 -21.74
C THR D 104 24.40 -24.39 -20.59
N PHE D 105 23.18 -24.65 -20.14
CA PHE D 105 22.94 -25.59 -19.07
C PHE D 105 23.53 -26.94 -19.48
N ASP D 106 23.60 -27.16 -20.79
CA ASP D 106 24.13 -28.41 -21.33
C ASP D 106 25.64 -28.55 -21.11
N ASP D 107 26.33 -27.42 -20.94
CA ASP D 107 27.77 -27.44 -20.72
C ASP D 107 28.14 -27.87 -19.30
N LEU D 108 27.16 -27.83 -18.40
CA LEU D 108 27.39 -28.21 -17.01
C LEU D 108 27.52 -29.70 -16.77
N HIS D 109 28.55 -30.30 -17.36
CA HIS D 109 28.82 -31.72 -17.17
C HIS D 109 30.31 -31.90 -16.91
N GLY D 110 30.66 -32.76 -15.98
CA GLY D 110 32.06 -33.00 -15.64
C GLY D 110 32.74 -31.76 -15.06
N LYS D 111 31.97 -30.94 -14.34
CA LYS D 111 32.50 -29.70 -13.75
C LYS D 111 32.55 -29.75 -12.21
N LYS D 112 33.23 -28.77 -11.63
CA LYS D 112 33.31 -28.66 -10.17
C LYS D 112 32.23 -27.63 -9.82
N ILE D 113 31.21 -28.07 -9.10
CA ILE D 113 30.12 -27.17 -8.73
C ILE D 113 30.14 -26.75 -7.26
N GLY D 114 30.28 -25.45 -7.04
CA GLY D 114 30.29 -24.93 -5.68
C GLY D 114 28.91 -24.95 -5.08
N VAL D 115 28.82 -25.40 -3.84
CA VAL D 115 27.54 -25.47 -3.12
C VAL D 115 27.70 -24.99 -1.68
N ARG D 116 26.70 -24.25 -1.20
CA ARG D 116 26.71 -23.76 0.17
C ARG D 116 26.42 -24.94 1.08
N LYS D 117 27.35 -25.26 1.96
CA LYS D 117 27.20 -26.40 2.87
C LYS D 117 25.91 -26.28 3.71
N GLY D 118 25.14 -27.36 3.76
CA GLY D 118 23.90 -27.35 4.53
C GLY D 118 22.63 -27.27 3.72
N THR D 119 22.74 -26.78 2.49
CA THR D 119 21.58 -26.65 1.61
C THR D 119 21.32 -27.98 0.91
N PRO D 120 20.17 -28.11 0.25
CA PRO D 120 19.86 -29.37 -0.44
C PRO D 120 20.49 -29.41 -1.83
N TYR D 121 21.25 -28.36 -2.16
CA TYR D 121 21.86 -28.25 -3.49
C TYR D 121 22.92 -29.29 -3.82
N ALA D 122 23.65 -29.78 -2.82
CA ALA D 122 24.65 -30.80 -3.10
C ALA D 122 23.87 -32.01 -3.62
N ARG D 123 22.72 -32.28 -3.00
CA ARG D 123 21.88 -33.41 -3.37
C ARG D 123 21.30 -33.21 -4.77
N GLN D 124 20.96 -31.97 -5.11
CA GLN D 124 20.40 -31.66 -6.41
C GLN D 124 21.44 -31.85 -7.51
N VAL D 125 22.66 -31.38 -7.29
CA VAL D 125 23.72 -31.54 -8.29
C VAL D 125 23.91 -33.03 -8.61
N LEU D 126 24.06 -33.85 -7.57
CA LEU D 126 24.25 -35.28 -7.75
C LEU D 126 23.06 -35.98 -8.40
N SER D 127 21.85 -35.57 -8.05
CA SER D 127 20.65 -36.20 -8.60
C SER D 127 20.58 -36.03 -10.11
N GLU D 128 21.00 -34.87 -10.60
CA GLU D 128 20.94 -34.60 -12.03
C GLU D 128 21.85 -35.54 -12.85
N ASN D 129 22.69 -36.30 -12.17
CA ASN D 129 23.59 -37.25 -12.82
C ASN D 129 24.36 -36.73 -14.03
N ARG D 130 25.13 -35.65 -13.83
CA ARG D 130 25.88 -35.06 -14.92
C ARG D 130 27.39 -35.19 -14.66
N ASN D 131 27.76 -36.18 -13.86
CA ASN D 131 29.16 -36.43 -13.54
C ASN D 131 29.84 -35.17 -12.98
N ASN D 132 29.11 -34.42 -12.16
CA ASN D 132 29.67 -33.21 -11.57
C ASN D 132 30.12 -33.48 -10.14
N GLN D 133 31.15 -32.77 -9.72
CA GLN D 133 31.66 -32.94 -8.37
C GLN D 133 31.22 -31.77 -7.49
N VAL D 134 30.64 -32.10 -6.35
CA VAL D 134 30.19 -31.07 -5.44
C VAL D 134 31.35 -30.61 -4.59
N ILE D 135 31.54 -29.29 -4.53
CA ILE D 135 32.58 -28.71 -3.71
C ILE D 135 31.90 -27.82 -2.68
N PHE D 136 31.97 -28.24 -1.42
CA PHE D 136 31.34 -27.51 -0.31
C PHE D 136 32.04 -26.23 0.10
N TYR D 137 31.22 -25.22 0.39
CA TYR D 137 31.67 -23.90 0.84
C TYR D 137 30.89 -23.54 2.08
N GLU D 138 31.57 -23.16 3.13
CA GLU D 138 30.88 -22.77 4.36
C GLU D 138 30.26 -21.40 4.19
N LEU D 139 30.98 -20.51 3.50
CA LEU D 139 30.53 -19.15 3.28
C LEU D 139 30.27 -18.79 1.82
N ILE D 140 29.19 -18.04 1.61
CA ILE D 140 28.78 -17.59 0.28
C ILE D 140 29.86 -16.76 -0.43
N GLN D 141 30.46 -15.83 0.29
CA GLN D 141 31.49 -14.98 -0.28
C GLN D 141 32.59 -15.84 -0.90
N ASP D 142 33.07 -16.81 -0.15
CA ASP D 142 34.12 -17.69 -0.63
C ASP D 142 33.66 -18.45 -1.88
N LEU D 144 31.60 -17.44 -4.11
CA LEU D 144 31.62 -16.50 -5.21
C LEU D 144 33.04 -16.24 -5.70
N LEU D 145 33.97 -16.15 -4.75
CA LEU D 145 35.39 -15.92 -5.08
C LEU D 145 35.94 -17.15 -5.79
N GLY D 146 35.46 -18.32 -5.38
CA GLY D 146 35.89 -19.58 -5.94
C GLY D 146 35.65 -19.72 -7.43
N LEU D 147 34.75 -18.89 -7.96
CA LEU D 147 34.44 -18.90 -9.38
C LEU D 147 35.51 -18.18 -10.20
N SER D 148 36.42 -17.50 -9.50
CA SER D 148 37.49 -16.76 -10.17
C SER D 148 38.90 -17.15 -9.72
N ASN D 149 39.03 -18.00 -8.71
CA ASN D 149 40.35 -18.41 -8.25
C ASN D 149 40.62 -19.88 -8.59
N ASN D 150 40.01 -20.33 -9.68
CA ASN D 150 40.15 -21.69 -10.18
C ASN D 150 39.70 -22.80 -9.23
N GLN D 151 38.78 -22.48 -8.33
CA GLN D 151 38.29 -23.48 -7.40
C GLN D 151 37.10 -24.26 -7.96
N VAL D 152 36.14 -23.55 -8.56
CA VAL D 152 34.96 -24.19 -9.15
C VAL D 152 34.61 -23.61 -10.52
N ASP D 153 33.93 -24.39 -11.36
CA ASP D 153 33.53 -23.95 -12.69
C ASP D 153 32.23 -23.15 -12.67
N ALA D 154 31.44 -23.38 -11.63
CA ALA D 154 30.17 -22.69 -11.48
C ALA D 154 29.58 -23.07 -10.12
N SER D 155 28.48 -22.43 -9.76
CA SER D 155 27.83 -22.73 -8.48
C SER D 155 26.31 -22.81 -8.59
N LEU D 156 25.71 -23.58 -7.69
CA LEU D 156 24.27 -23.75 -7.63
C LEU D 156 23.81 -23.11 -6.33
N ASP D 158 20.54 -20.19 -4.42
CA ASP D 158 19.17 -19.70 -4.46
C ASP D 158 18.99 -18.78 -5.68
N TYR D 159 17.88 -18.95 -6.39
CA TYR D 159 17.62 -18.15 -7.58
C TYR D 159 17.78 -16.65 -7.35
N GLU D 160 16.99 -16.10 -6.43
CA GLU D 160 17.04 -14.69 -6.11
C GLU D 160 18.45 -14.23 -5.73
N ALA D 161 19.22 -15.11 -5.10
CA ALA D 161 20.58 -14.77 -4.71
C ALA D 161 21.46 -14.69 -5.96
N ALA D 162 21.36 -15.69 -6.84
CA ALA D 162 22.15 -15.70 -8.06
C ALA D 162 21.80 -14.49 -8.91
N LYS D 163 20.51 -14.21 -8.97
CA LYS D 163 19.98 -13.07 -9.71
C LYS D 163 20.58 -11.78 -9.12
N TYR D 164 20.67 -11.74 -7.80
CA TYR D 164 21.24 -10.58 -7.10
C TYR D 164 22.67 -10.31 -7.54
N TRP D 165 23.50 -11.35 -7.50
CA TRP D 165 24.90 -11.25 -7.87
C TRP D 165 25.15 -11.00 -9.35
N ALA D 167 23.11 -9.28 -11.09
CA ALA D 167 22.63 -7.91 -11.29
C ALA D 167 23.45 -6.86 -10.54
N SER D 168 24.35 -7.29 -9.66
CA SER D 168 25.17 -6.35 -8.91
C SER D 168 26.51 -6.07 -9.56
N GLU D 169 27.47 -5.60 -8.76
CA GLU D 169 28.83 -5.28 -9.22
C GLU D 169 28.84 -4.52 -10.54
N PRO D 170 29.19 -3.22 -10.51
CA PRO D 170 29.55 -2.43 -9.31
C PRO D 170 28.34 -1.66 -8.78
N TYR D 171 28.12 -0.48 -9.37
CA TYR D 171 27.00 0.39 -8.99
C TYR D 171 26.10 0.61 -10.20
N ALA D 172 26.67 0.42 -11.39
CA ALA D 172 25.95 0.56 -12.65
C ALA D 172 26.63 -0.35 -13.67
N TYR D 173 26.28 -1.63 -13.62
CA TYR D 173 26.85 -2.65 -14.50
C TYR D 173 26.47 -2.51 -15.99
N LYS D 174 26.99 -1.46 -16.62
CA LYS D 174 26.75 -1.20 -18.04
C LYS D 174 27.79 -0.19 -18.52
N LEU D 175 28.12 0.75 -17.66
CA LEU D 175 29.10 1.79 -17.96
C LEU D 175 30.52 1.23 -17.74
N ILE D 176 30.60 0.15 -16.97
CA ILE D 176 31.89 -0.50 -16.70
C ILE D 176 31.80 -1.99 -17.03
N GLY D 177 30.61 -2.56 -16.87
CA GLY D 177 30.43 -3.98 -17.19
C GLY D 177 29.87 -4.83 -16.06
N LYS D 178 29.90 -6.14 -16.27
CA LYS D 178 29.41 -7.12 -15.31
C LYS D 178 30.52 -8.14 -15.03
N LYS D 179 30.19 -9.19 -14.26
CA LYS D 179 31.19 -10.21 -13.94
C LYS D 179 30.58 -11.61 -13.84
N TYR D 180 29.36 -11.69 -13.32
CA TYR D 180 28.67 -12.98 -13.18
C TYR D 180 27.53 -13.08 -14.20
N LYS D 181 27.24 -14.31 -14.62
CA LYS D 181 26.17 -14.58 -15.56
C LYS D 181 25.46 -15.85 -15.12
N LEU D 182 24.16 -15.95 -15.45
CA LEU D 182 23.37 -17.10 -15.07
C LEU D 182 23.39 -18.18 -16.15
N ILE D 183 23.39 -19.44 -15.72
CA ILE D 183 23.41 -20.54 -16.65
C ILE D 183 22.11 -21.32 -16.51
N GLY D 184 21.35 -21.37 -17.60
CA GLY D 184 20.08 -22.10 -17.59
C GLY D 184 18.96 -21.34 -16.88
N LYS D 185 17.77 -21.94 -16.87
CA LYS D 185 16.62 -21.34 -16.21
C LYS D 185 16.63 -21.80 -14.77
N LYS D 186 15.85 -21.14 -13.91
CA LYS D 186 15.79 -21.50 -12.50
C LYS D 186 15.26 -22.92 -12.35
N ILE D 187 15.70 -23.60 -11.30
CA ILE D 187 15.29 -24.98 -11.05
C ILE D 187 14.46 -25.12 -9.78
N SER D 188 13.24 -25.61 -9.94
CA SER D 188 12.34 -25.81 -8.82
C SER D 188 12.95 -26.85 -7.89
N ILE D 189 12.96 -26.55 -6.60
CA ILE D 189 13.55 -27.45 -5.61
C ILE D 189 12.83 -27.26 -4.28
N GLY D 190 12.47 -28.36 -3.63
CA GLY D 190 11.80 -28.25 -2.34
C GLY D 190 10.40 -27.66 -2.46
N GLU D 191 9.77 -27.41 -1.32
CA GLU D 191 8.42 -26.86 -1.31
C GLU D 191 8.30 -25.45 -0.75
N GLY D 192 9.31 -24.63 -1.02
CA GLY D 192 9.27 -23.25 -0.58
C GLY D 192 10.20 -22.88 0.56
N TYR D 193 10.49 -21.59 0.66
CA TYR D 193 11.33 -21.10 1.73
C TYR D 193 10.37 -20.95 2.89
N SER D 194 10.83 -21.36 4.06
CA SER D 194 9.99 -21.33 5.24
C SER D 194 10.77 -21.08 6.52
N ILE D 195 10.03 -20.80 7.59
CA ILE D 195 10.62 -20.58 8.91
C ILE D 195 10.66 -21.98 9.52
N ALA D 197 11.61 -24.78 12.75
CA ALA D 197 11.61 -24.89 14.21
C ALA D 197 11.70 -26.37 14.59
N ASN D 198 11.82 -26.65 15.88
CA ASN D 198 11.88 -28.03 16.32
C ASN D 198 10.44 -28.56 16.34
N PRO D 199 10.26 -29.87 16.14
CA PRO D 199 8.94 -30.50 16.12
C PRO D 199 8.00 -30.16 17.28
N ASP D 200 8.54 -29.99 18.48
CA ASP D 200 7.68 -29.67 19.61
C ASP D 200 7.24 -28.21 19.66
N GLN D 201 7.64 -27.42 18.66
CA GLN D 201 7.25 -26.01 18.63
C GLN D 201 6.08 -25.77 17.69
N PHE D 202 5.22 -26.78 17.54
CA PHE D 202 4.08 -26.65 16.64
C PHE D 202 3.11 -25.55 17.03
N VAL D 203 3.00 -25.25 18.32
CA VAL D 203 2.07 -24.20 18.72
C VAL D 203 2.55 -22.86 18.17
N LEU D 204 3.84 -22.56 18.32
CA LEU D 204 4.40 -21.31 17.83
C LEU D 204 4.31 -21.22 16.29
N ILE D 205 4.56 -22.32 15.61
CA ILE D 205 4.49 -22.34 14.15
C ILE D 205 3.07 -22.05 13.66
N LYS D 206 2.06 -22.60 14.33
CA LYS D 206 0.68 -22.34 13.93
C LYS D 206 0.34 -20.84 14.10
N LYS D 207 0.85 -20.21 15.15
CA LYS D 207 0.59 -18.77 15.35
C LYS D 207 1.22 -18.01 14.19
N ILE D 208 2.43 -18.41 13.83
CA ILE D 208 3.14 -17.76 12.74
C ILE D 208 2.40 -17.93 11.40
N ASN D 209 1.83 -19.11 11.18
CA ASN D 209 1.11 -19.37 9.93
C ASN D 209 -0.11 -18.45 9.79
N LYS D 210 -0.78 -18.17 10.89
CA LYS D 210 -1.94 -17.31 10.85
C LYS D 210 -1.52 -15.88 10.55
N ILE D 211 -0.37 -15.46 11.07
CA ILE D 211 0.13 -14.11 10.83
C ILE D 211 0.52 -13.96 9.36
N LEU D 212 1.09 -15.02 8.78
CA LEU D 212 1.48 -14.98 7.38
C LEU D 212 0.22 -14.79 6.53
N LEU D 213 -0.83 -15.52 6.87
CA LEU D 213 -2.09 -15.41 6.14
C LEU D 213 -2.68 -14.01 6.28
N GLU D 214 -2.58 -13.43 7.47
CA GLU D 214 -3.11 -12.09 7.69
C GLU D 214 -2.28 -11.06 6.91
N GLU D 216 -0.77 -11.59 4.12
CA GLU D 216 -1.09 -11.78 2.71
C GLU D 216 -2.47 -11.20 2.41
N ALA D 217 -3.35 -11.26 3.40
CA ALA D 217 -4.71 -10.74 3.23
C ALA D 217 -4.78 -9.21 3.21
N ASP D 218 -3.92 -8.54 3.98
CA ASP D 218 -3.98 -7.08 4.02
C ASP D 218 -3.00 -6.31 3.14
N GLY D 219 -2.25 -7.03 2.31
CA GLY D 219 -1.29 -6.39 1.41
C GLY D 219 0.12 -6.19 1.92
N THR D 220 0.34 -6.42 3.22
CA THR D 220 1.66 -6.26 3.81
C THR D 220 2.73 -7.16 3.19
N TYR D 221 2.36 -8.40 2.93
CA TYR D 221 3.28 -9.37 2.34
C TYR D 221 3.67 -8.96 0.92
N LEU D 222 2.68 -8.65 0.11
CA LEU D 222 2.94 -8.25 -1.27
C LEU D 222 3.89 -7.03 -1.31
N ARG D 223 3.64 -6.06 -0.45
CA ARG D 223 4.47 -4.85 -0.39
C ARG D 223 5.92 -5.21 -0.08
N LEU D 224 6.13 -6.04 0.93
CA LEU D 224 7.48 -6.44 1.30
C LEU D 224 8.15 -7.24 0.18
N TYR D 225 7.41 -8.19 -0.39
CA TYR D 225 7.90 -9.04 -1.48
C TYR D 225 8.33 -8.21 -2.69
N SER D 226 7.48 -7.28 -3.09
CA SER D 226 7.75 -6.42 -4.23
C SER D 226 8.99 -5.55 -3.99
N GLU D 227 9.15 -5.08 -2.75
CA GLU D 227 10.27 -4.23 -2.39
C GLU D 227 11.62 -4.92 -2.63
N TYR D 228 11.64 -6.24 -2.49
CA TYR D 228 12.87 -7.02 -2.66
C TYR D 228 13.00 -7.78 -3.97
N PHE D 229 11.88 -8.25 -4.50
CA PHE D 229 11.95 -9.05 -5.73
C PHE D 229 11.19 -8.47 -6.91
#